data_5D5T
#
_entry.id   5D5T
#
_cell.length_a   45.480
_cell.length_b   76.990
_cell.length_c   84.990
_cell.angle_alpha   108.090
_cell.angle_beta   89.980
_cell.angle_gamma   105.380
#
_symmetry.space_group_name_H-M   'P 1'
#
loop_
_entity.id
_entity.type
_entity.pdbx_description
1 polymer 'Uncharacterized protein MJ0489'
2 water water
#
_entity_poly.entity_id   1
_entity_poly.type   'polypeptide(L)'
_entity_poly.pdbx_seq_one_letter_code
;(MSE)GCGI(MSE)KYGITE(MSE)VKTIDTKTRVVDVTNEIAKKKYQAIRDFLEGEEFKEVVIFGVYLWGNYTAQ
(MSE)LSKYADKVYLVDIHEF(MSE)KGFVPNNNSIKFLNLNEFKLKFIRGEVNPDLIVDLTGLGGIEPEFLAKFNPKVF
IVEDPKGVFDVDIYEADNTYKRTAPFIEKAKVGVLKTYRKARVSKTSGT(MSE)TLTIDTIVDASREITSLDGVLYAIPN
LRYYEGILFHENDIHKFLSEISQPAITISTLNDVLDEAEEILSNNINLIYSFVEEL
;
_entity_poly.pdbx_strand_id   A,B,C,D
#
# COMPACT_ATOMS: atom_id res chain seq x y z
N VAL A 14 -10.20 -26.19 -2.91
CA VAL A 14 -10.24 -24.87 -2.30
C VAL A 14 -10.78 -24.98 -0.88
N LYS A 15 -10.02 -24.50 0.09
CA LYS A 15 -10.39 -24.61 1.48
C LYS A 15 -10.92 -23.29 2.02
N THR A 16 -11.77 -23.38 3.04
CA THR A 16 -12.23 -22.20 3.75
C THR A 16 -11.80 -22.28 5.20
N ILE A 17 -11.02 -21.29 5.65
CA ILE A 17 -10.47 -21.31 7.00
C ILE A 17 -10.84 -20.07 7.79
N ASP A 18 -11.46 -20.27 8.95
CA ASP A 18 -11.71 -19.18 9.87
C ASP A 18 -10.57 -19.06 10.87
N THR A 19 -10.18 -17.83 11.19
CA THR A 19 -9.17 -17.63 12.22
C THR A 19 -9.78 -17.93 13.59
N LYS A 20 -8.94 -18.40 14.51
CA LYS A 20 -9.40 -18.68 15.85
C LYS A 20 -9.62 -17.37 16.60
N THR A 21 -8.80 -16.37 16.27
CA THR A 21 -8.97 -15.04 16.82
C THR A 21 -10.28 -14.42 16.33
N ARG A 22 -11.10 -13.98 17.28
CA ARG A 22 -12.38 -13.35 16.96
C ARG A 22 -12.22 -11.84 16.95
N VAL A 23 -13.27 -11.12 16.56
CA VAL A 23 -13.22 -9.67 16.55
C VAL A 23 -13.15 -9.14 17.99
N VAL A 24 -13.90 -9.78 18.88
CA VAL A 24 -13.92 -9.42 20.28
C VAL A 24 -12.53 -9.60 20.90
N ASP A 25 -11.77 -10.57 20.40
CA ASP A 25 -10.41 -10.81 20.88
C ASP A 25 -9.50 -9.65 20.54
N VAL A 26 -9.65 -9.09 19.36
CA VAL A 26 -8.87 -7.93 18.95
C VAL A 26 -9.23 -6.71 19.80
N THR A 27 -10.54 -6.50 20.02
CA THR A 27 -11.00 -5.36 20.80
C THR A 27 -10.53 -5.45 22.26
N ASN A 28 -10.53 -6.66 22.80
CA ASN A 28 -10.06 -6.89 24.16
C ASN A 28 -8.56 -6.64 24.27
N GLU A 29 -7.83 -7.03 23.24
CA GLU A 29 -6.39 -6.84 23.20
C GLU A 29 -6.06 -5.35 23.16
N ILE A 30 -6.83 -4.62 22.37
CA ILE A 30 -6.67 -3.17 22.26
C ILE A 30 -7.08 -2.49 23.56
N ALA A 31 -8.17 -2.95 24.17
CA ALA A 31 -8.63 -2.41 25.44
C ALA A 31 -7.61 -2.67 26.55
N LYS A 32 -6.98 -3.84 26.52
CA LYS A 32 -5.96 -4.16 27.52
C LYS A 32 -4.75 -3.25 27.37
N LYS A 33 -4.36 -2.96 26.13
CA LYS A 33 -3.23 -2.05 25.88
C LYS A 33 -3.52 -0.66 26.43
N LYS A 34 -4.77 -0.21 26.28
CA LYS A 34 -5.16 1.11 26.75
C LYS A 34 -5.20 1.16 28.27
N TYR A 35 -5.66 0.09 28.91
CA TYR A 35 -5.74 0.08 30.36
C TYR A 35 -4.34 0.06 30.99
N GLN A 36 -3.44 -0.73 30.42
CA GLN A 36 -2.09 -0.85 30.94
C GLN A 36 -1.39 0.51 30.93
N ALA A 37 -1.69 1.34 29.93
CA ALA A 37 -1.19 2.70 29.88
C ALA A 37 -1.78 3.52 31.03
N ILE A 38 -3.07 3.34 31.27
CA ILE A 38 -3.77 4.02 32.35
C ILE A 38 -3.24 3.57 33.70
N ARG A 39 -3.03 2.26 33.85
CA ARG A 39 -2.56 1.69 35.10
C ARG A 39 -1.18 2.23 35.45
N ASP A 40 -0.32 2.32 34.44
CA ASP A 40 1.04 2.84 34.63
C ASP A 40 1.01 4.29 35.11
N PHE A 41 0.09 5.07 34.55
CA PHE A 41 -0.03 6.47 34.89
C PHE A 41 -0.59 6.60 36.31
N LEU A 42 -1.42 5.63 36.70
CA LEU A 42 -2.04 5.61 38.01
C LEU A 42 -1.18 4.93 39.07
N GLU A 43 -0.07 4.33 38.65
CA GLU A 43 0.82 3.60 39.56
C GLU A 43 1.04 4.39 40.85
N GLY A 44 0.75 3.73 41.97
CA GLY A 44 0.89 4.33 43.29
C GLY A 44 -0.17 5.37 43.61
N GLU A 45 -1.28 5.33 42.89
CA GLU A 45 -2.39 6.23 43.16
C GLU A 45 -3.58 5.43 43.68
N GLU A 46 -4.26 5.94 44.70
CA GLU A 46 -5.44 5.24 45.22
C GLU A 46 -6.71 6.08 45.18
N PHE A 47 -7.85 5.44 44.94
CA PHE A 47 -9.10 6.19 44.82
C PHE A 47 -10.24 5.57 45.61
N LYS A 48 -11.21 6.40 45.97
CA LYS A 48 -12.44 5.91 46.58
C LYS A 48 -13.53 5.84 45.51
N GLU A 49 -13.50 6.81 44.60
CA GLU A 49 -14.54 6.98 43.60
C GLU A 49 -14.01 7.35 42.23
N VAL A 50 -14.36 6.52 41.25
CA VAL A 50 -13.91 6.67 39.87
C VAL A 50 -15.09 6.87 38.92
N VAL A 51 -15.03 7.91 38.11
CA VAL A 51 -16.07 8.11 37.08
C VAL A 51 -15.48 8.02 35.68
N ILE A 52 -16.04 7.12 34.87
CA ILE A 52 -15.58 6.93 33.50
C ILE A 52 -16.64 7.35 32.48
N PHE A 53 -16.32 8.36 31.68
CA PHE A 53 -17.23 8.81 30.62
C PHE A 53 -16.88 8.15 29.28
N GLY A 54 -17.91 7.75 28.53
CA GLY A 54 -17.72 7.11 27.24
C GLY A 54 -18.76 6.03 27.07
N VAL A 55 -18.82 5.38 25.91
CA VAL A 55 -19.80 4.32 25.76
C VAL A 55 -19.29 3.15 26.61
N TYR A 56 -20.22 2.39 27.18
CA TYR A 56 -19.84 1.36 28.15
C TYR A 56 -19.01 0.21 27.59
N LEU A 57 -19.35 -0.30 26.41
CA LEU A 57 -18.74 -1.55 25.93
C LEU A 57 -17.24 -1.37 25.66
N TRP A 58 -16.79 -0.15 25.37
CA TRP A 58 -15.35 0.10 25.20
C TRP A 58 -14.71 0.48 26.54
N GLY A 59 -15.53 0.85 27.52
CA GLY A 59 -15.01 1.33 28.79
C GLY A 59 -15.18 0.34 29.93
N ASN A 60 -15.86 -0.77 29.64
CA ASN A 60 -16.15 -1.77 30.66
C ASN A 60 -14.90 -2.44 31.23
N TYR A 61 -13.95 -2.76 30.35
CA TYR A 61 -12.72 -3.42 30.77
C TYR A 61 -11.96 -2.57 31.77
N THR A 62 -11.83 -1.29 31.45
CA THR A 62 -11.14 -0.34 32.33
C THR A 62 -11.87 -0.21 33.66
N ALA A 63 -13.19 -0.17 33.61
CA ALA A 63 -14.01 -0.05 34.80
C ALA A 63 -13.87 -1.27 35.72
N GLN A 64 -13.90 -2.46 35.12
CA GLN A 64 -13.78 -3.70 35.90
C GLN A 64 -12.42 -3.80 36.58
N LEU A 66 -10.34 -1.14 37.31
CA LEU A 66 -10.14 -0.05 38.25
C LEU A 66 -10.92 -0.24 39.54
N SER A 67 -11.89 -1.15 39.52
CA SER A 67 -12.71 -1.42 40.70
C SER A 67 -11.88 -2.04 41.82
N LYS A 68 -10.76 -2.65 41.46
CA LYS A 68 -9.84 -3.22 42.45
C LYS A 68 -9.05 -2.09 43.13
N TYR A 69 -9.02 -0.93 42.49
CA TYR A 69 -8.32 0.25 43.02
C TYR A 69 -9.30 1.30 43.53
N ALA A 70 -10.57 0.91 43.70
CA ALA A 70 -11.60 1.86 44.10
C ALA A 70 -12.71 1.24 44.92
N ASP A 71 -13.32 2.02 45.81
CA ASP A 71 -14.50 1.58 46.54
C ASP A 71 -15.76 1.61 45.67
N LYS A 72 -15.80 2.53 44.71
CA LYS A 72 -16.96 2.68 43.84
C LYS A 72 -16.55 3.18 42.46
N VAL A 73 -17.07 2.54 41.42
CA VAL A 73 -16.74 2.93 40.05
C VAL A 73 -18.00 3.22 39.26
N TYR A 74 -18.07 4.42 38.68
CA TYR A 74 -19.19 4.80 37.83
C TYR A 74 -18.76 4.84 36.38
N LEU A 75 -19.47 4.11 35.52
CA LEU A 75 -19.24 4.20 34.08
C LEU A 75 -20.42 4.95 33.47
N VAL A 76 -20.18 6.19 33.04
CA VAL A 76 -21.26 7.01 32.51
C VAL A 76 -21.28 7.15 30.98
N ASP A 77 -22.34 6.66 30.37
CA ASP A 77 -22.57 6.78 28.92
C ASP A 77 -23.80 7.66 28.67
N ILE A 78 -24.07 7.98 27.41
CA ILE A 78 -25.35 8.60 27.05
C ILE A 78 -26.28 7.48 26.55
N HIS A 79 -25.89 6.24 26.85
CA HIS A 79 -26.65 5.02 26.53
C HIS A 79 -27.08 4.96 25.07
N ILE A 92 -19.47 -2.09 40.17
CA ILE A 92 -19.57 -1.17 39.03
C ILE A 92 -21.00 -0.69 38.86
N LYS A 93 -21.16 0.62 38.70
CA LYS A 93 -22.50 1.16 38.50
C LYS A 93 -22.62 1.79 37.13
N PHE A 94 -23.68 1.45 36.41
CA PHE A 94 -23.92 1.96 35.07
C PHE A 94 -25.02 3.02 35.06
N LEU A 95 -24.70 4.21 34.57
CA LEU A 95 -25.64 5.32 34.54
C LEU A 95 -25.58 6.03 33.19
N ASN A 96 -26.69 6.61 32.75
CA ASN A 96 -26.58 7.53 31.63
C ASN A 96 -26.19 8.89 32.20
N LEU A 97 -25.78 9.80 31.32
CA LEU A 97 -25.29 11.11 31.73
C LEU A 97 -26.23 11.89 32.65
N ASN A 98 -27.53 11.86 32.38
CA ASN A 98 -28.47 12.67 33.16
C ASN A 98 -28.71 12.17 34.59
N GLU A 99 -28.66 10.86 34.83
CA GLU A 99 -28.73 10.37 36.20
C GLU A 99 -27.50 10.83 36.96
N PHE A 100 -26.36 10.79 36.29
CA PHE A 100 -25.10 11.19 36.91
C PHE A 100 -25.10 12.68 37.26
N LYS A 101 -25.65 13.52 36.39
CA LYS A 101 -25.69 14.96 36.65
C LYS A 101 -26.56 15.28 37.86
N LEU A 102 -27.73 14.63 37.97
CA LEU A 102 -28.58 14.82 39.14
C LEU A 102 -27.89 14.30 40.39
N LYS A 103 -27.15 13.20 40.24
CA LYS A 103 -26.44 12.59 41.35
C LYS A 103 -25.32 13.53 41.80
N PHE A 104 -24.72 14.24 40.84
CA PHE A 104 -23.63 15.17 41.11
C PHE A 104 -24.13 16.45 41.78
N ILE A 105 -25.30 16.91 41.33
CA ILE A 105 -25.92 18.10 41.92
C ILE A 105 -26.43 17.82 43.32
N ARG A 106 -26.95 16.62 43.54
CA ARG A 106 -27.40 16.21 44.87
C ARG A 106 -26.22 15.97 45.82
N GLY A 107 -25.02 15.96 45.28
CA GLY A 107 -23.83 15.77 46.09
C GLY A 107 -23.67 14.31 46.50
N GLU A 108 -24.17 13.42 45.66
CA GLU A 108 -24.10 12.00 45.93
C GLU A 108 -22.85 11.39 45.31
N VAL A 109 -22.29 12.08 44.33
CA VAL A 109 -21.04 11.65 43.70
C VAL A 109 -20.04 12.80 43.64
N ASN A 110 -18.78 12.51 43.94
CA ASN A 110 -17.71 13.49 43.83
C ASN A 110 -16.38 12.78 43.64
N PRO A 111 -16.06 12.43 42.39
CA PRO A 111 -14.92 11.54 42.07
C PRO A 111 -13.53 12.13 42.27
N ASP A 112 -12.63 11.28 42.74
CA ASP A 112 -11.22 11.61 42.83
C ASP A 112 -10.56 11.40 41.47
N LEU A 113 -11.09 10.44 40.73
CA LEU A 113 -10.55 10.07 39.42
C LEU A 113 -11.62 10.17 38.36
N ILE A 114 -11.32 10.93 37.31
CA ILE A 114 -12.20 11.05 36.16
C ILE A 114 -11.48 10.59 34.91
N VAL A 115 -12.09 9.64 34.19
CA VAL A 115 -11.53 9.18 32.93
C VAL A 115 -12.49 9.50 31.81
N ASP A 116 -12.08 10.39 30.91
CA ASP A 116 -12.92 10.79 29.79
C ASP A 116 -12.54 10.04 28.52
N LEU A 117 -13.39 9.11 28.11
CA LEU A 117 -13.14 8.28 26.93
C LEU A 117 -14.13 8.56 25.81
N THR A 118 -14.76 9.74 25.86
CA THR A 118 -15.80 10.07 24.88
C THR A 118 -15.24 10.46 23.52
N GLY A 119 -14.14 11.20 23.50
CA GLY A 119 -13.50 11.59 22.25
C GLY A 119 -14.27 12.67 21.50
N LEU A 120 -14.30 12.56 20.18
CA LEU A 120 -14.91 13.59 19.33
C LEU A 120 -16.39 13.79 19.64
N GLY A 121 -16.75 15.04 19.92
CA GLY A 121 -18.12 15.39 20.24
C GLY A 121 -18.58 14.76 21.53
N GLY A 122 -17.67 14.62 22.48
CA GLY A 122 -17.96 13.96 23.74
C GLY A 122 -18.44 14.90 24.83
N ILE A 123 -17.96 14.67 26.05
CA ILE A 123 -18.39 15.47 27.19
C ILE A 123 -17.88 16.89 27.04
N GLU A 124 -18.74 17.86 27.38
CA GLU A 124 -18.39 19.25 27.24
C GLU A 124 -17.41 19.65 28.34
N PRO A 125 -16.40 20.46 27.97
CA PRO A 125 -15.41 20.98 28.92
C PRO A 125 -16.06 21.81 30.03
N GLU A 126 -17.23 22.38 29.74
CA GLU A 126 -17.92 23.25 30.67
C GLU A 126 -18.56 22.44 31.80
N PHE A 127 -18.92 21.21 31.50
CA PHE A 127 -19.45 20.28 32.49
C PHE A 127 -18.32 19.67 33.32
N LEU A 128 -17.19 19.44 32.67
CA LEU A 128 -16.01 18.89 33.33
C LEU A 128 -15.48 19.87 34.37
N ALA A 129 -15.64 21.16 34.09
CA ALA A 129 -15.11 22.22 34.95
C ALA A 129 -15.73 22.25 36.34
N LYS A 130 -16.89 21.63 36.51
CA LYS A 130 -17.57 21.61 37.81
C LYS A 130 -16.89 20.68 38.81
N PHE A 131 -16.11 19.74 38.29
CA PHE A 131 -15.51 18.70 39.12
C PHE A 131 -14.15 19.11 39.66
N ASN A 132 -13.72 18.42 40.72
CA ASN A 132 -12.44 18.69 41.34
C ASN A 132 -11.73 17.40 41.71
N PRO A 133 -11.30 16.63 40.70
CA PRO A 133 -10.66 15.34 40.97
C PRO A 133 -9.19 15.49 41.36
N LYS A 134 -8.62 14.44 41.92
CA LYS A 134 -7.20 14.39 42.23
C LYS A 134 -6.44 14.03 40.96
N VAL A 135 -7.04 13.16 40.17
CA VAL A 135 -6.46 12.73 38.90
C VAL A 135 -7.49 12.83 37.78
N PHE A 136 -7.11 13.45 36.66
CA PHE A 136 -8.00 13.54 35.50
C PHE A 136 -7.32 13.00 34.25
N ILE A 137 -7.98 12.04 33.60
CA ILE A 137 -7.45 11.44 32.38
C ILE A 137 -8.43 11.59 31.21
N VAL A 138 -7.94 12.13 30.10
CA VAL A 138 -8.75 12.32 28.91
C VAL A 138 -8.11 11.59 27.73
N GLU A 139 -8.94 10.94 26.93
CA GLU A 139 -8.42 10.24 25.75
C GLU A 139 -8.37 11.16 24.54
N ASP A 140 -7.17 11.27 23.97
CA ASP A 140 -6.96 11.98 22.72
C ASP A 140 -7.53 11.13 21.58
N PRO A 141 -8.57 11.64 20.90
CA PRO A 141 -9.17 10.84 19.83
C PRO A 141 -8.33 10.85 18.55
N LYS A 142 -7.48 11.86 18.38
CA LYS A 142 -6.72 12.03 17.15
C LYS A 142 -5.74 10.89 16.87
N GLY A 143 -5.67 10.49 15.60
CA GLY A 143 -4.69 9.52 15.14
C GLY A 143 -3.73 10.20 14.21
N VAL A 144 -3.64 9.72 12.97
CA VAL A 144 -2.85 10.38 11.94
C VAL A 144 -3.50 11.74 11.66
N PHE A 145 -2.71 12.71 11.22
CA PHE A 145 -3.24 14.06 11.04
C PHE A 145 -4.39 14.13 10.03
N ASP A 146 -5.45 14.79 10.45
CA ASP A 146 -6.60 15.06 9.60
C ASP A 146 -7.09 16.45 9.98
N VAL A 147 -7.12 17.36 9.00
CA VAL A 147 -7.43 18.76 9.28
C VAL A 147 -8.79 18.93 9.97
N ASP A 148 -9.76 18.13 9.57
CA ASP A 148 -11.11 18.24 10.13
C ASP A 148 -11.19 17.63 11.52
N ILE A 149 -10.57 16.48 11.71
CA ILE A 149 -10.55 15.83 13.01
C ILE A 149 -9.74 16.67 14.00
N TYR A 150 -8.63 17.21 13.51
CA TYR A 150 -7.75 18.06 14.30
C TYR A 150 -8.52 19.28 14.77
N GLU A 151 -9.34 19.84 13.88
CA GLU A 151 -10.13 21.03 14.21
C GLU A 151 -11.27 20.71 15.16
N ALA A 152 -11.85 19.53 15.03
CA ALA A 152 -12.97 19.14 15.87
C ALA A 152 -12.53 18.75 17.28
N ASP A 153 -11.24 18.44 17.45
CA ASP A 153 -10.72 18.01 18.74
C ASP A 153 -10.59 19.14 19.75
N ASN A 154 -11.00 18.88 20.98
CA ASN A 154 -10.86 19.84 22.08
C ASN A 154 -10.36 19.16 23.35
N THR A 155 -9.53 18.14 23.18
CA THR A 155 -8.95 17.38 24.30
C THR A 155 -8.27 18.28 25.32
N TYR A 156 -7.46 19.22 24.84
CA TYR A 156 -6.69 20.07 25.71
C TYR A 156 -7.52 21.23 26.22
N LYS A 157 -8.72 21.39 25.69
CA LYS A 157 -9.65 22.36 26.24
C LYS A 157 -10.37 21.73 27.43
N ARG A 158 -10.36 20.40 27.48
CA ARG A 158 -10.96 19.67 28.59
C ARG A 158 -10.00 19.57 29.77
N THR A 159 -8.70 19.66 29.47
CA THR A 159 -7.66 19.57 30.49
C THR A 159 -7.38 20.89 31.18
N ALA A 160 -7.70 21.99 30.50
CA ALA A 160 -7.38 23.34 30.99
C ALA A 160 -7.78 23.63 32.44
N PRO A 161 -9.01 23.26 32.86
CA PRO A 161 -9.35 23.62 34.25
C PRO A 161 -8.72 22.73 35.33
N PHE A 162 -7.93 21.73 34.95
CA PHE A 162 -7.37 20.82 35.94
C PHE A 162 -5.85 20.91 36.00
N ILE A 163 -5.26 21.63 35.05
CA ILE A 163 -3.83 21.76 34.98
C ILE A 163 -3.31 22.47 36.23
N GLU A 164 -2.30 21.88 36.85
CA GLU A 164 -1.64 22.39 38.06
C GLU A 164 -2.52 22.20 39.31
N LYS A 165 -3.80 21.86 39.11
CA LYS A 165 -4.72 21.65 40.23
C LYS A 165 -5.06 20.16 40.40
N ALA A 166 -4.52 19.33 39.51
CA ALA A 166 -4.73 17.89 39.55
C ALA A 166 -3.64 17.18 38.76
N LYS A 167 -3.53 15.87 38.92
CA LYS A 167 -2.63 15.08 38.10
C LYS A 167 -3.34 14.81 36.78
N VAL A 168 -2.84 15.41 35.70
CA VAL A 168 -3.53 15.35 34.41
C VAL A 168 -2.79 14.50 33.39
N GLY A 169 -3.51 13.60 32.74
CA GLY A 169 -2.92 12.76 31.71
C GLY A 169 -3.75 12.68 30.45
N VAL A 170 -3.07 12.57 29.31
CA VAL A 170 -3.74 12.46 28.03
C VAL A 170 -3.45 11.10 27.42
N LEU A 171 -4.48 10.27 27.30
CA LEU A 171 -4.31 8.93 26.76
C LEU A 171 -4.19 8.95 25.24
N LYS A 172 -3.03 8.52 24.74
CA LYS A 172 -2.78 8.46 23.30
C LYS A 172 -2.54 7.04 22.85
N THR A 173 -3.10 6.70 21.69
CA THR A 173 -2.94 5.38 21.11
C THR A 173 -2.76 5.47 19.60
N TYR A 174 -1.64 4.95 19.11
CA TYR A 174 -1.33 5.01 17.69
C TYR A 174 -0.91 3.65 17.14
N ARG A 175 -1.03 3.49 15.83
CA ARG A 175 -0.45 2.34 15.14
C ARG A 175 0.92 2.74 14.57
N LYS A 176 1.95 1.98 14.95
CA LYS A 176 3.31 2.28 14.54
C LYS A 176 3.45 2.26 13.03
N ALA A 177 3.81 3.42 12.46
CA ALA A 177 4.03 3.56 11.03
C ALA A 177 2.84 3.11 10.17
N ARG A 178 1.63 3.36 10.67
CA ARG A 178 0.42 3.03 9.92
C ARG A 178 -0.57 4.18 9.96
N VAL A 179 -1.60 4.10 9.12
CA VAL A 179 -2.63 5.12 9.08
C VAL A 179 -3.88 4.68 9.81
N SER A 180 -4.24 5.43 10.85
CA SER A 180 -5.52 5.30 11.50
C SER A 180 -5.99 6.72 11.79
N LYS A 181 -7.21 7.04 11.41
CA LYS A 181 -7.70 8.41 11.50
C LYS A 181 -7.98 8.81 12.94
N THR A 182 -8.35 7.85 13.78
CA THR A 182 -8.55 8.11 15.21
C THR A 182 -7.84 7.07 16.07
N SER A 183 -7.98 7.23 17.38
CA SER A 183 -7.41 6.28 18.34
C SER A 183 -8.50 5.42 18.97
N GLY A 184 -9.72 5.53 18.45
CA GLY A 184 -10.84 4.77 18.97
C GLY A 184 -10.60 3.28 18.85
N THR A 185 -11.04 2.53 19.85
CA THR A 185 -10.86 1.09 19.88
C THR A 185 -11.51 0.44 18.67
N THR A 187 -12.05 1.92 15.71
CA THR A 187 -11.22 2.29 14.56
C THR A 187 -9.99 1.41 14.44
N LEU A 188 -9.31 1.23 15.56
CA LEU A 188 -8.10 0.42 15.60
C LEU A 188 -8.40 -1.04 15.27
N THR A 189 -9.53 -1.54 15.76
CA THR A 189 -9.95 -2.92 15.50
C THR A 189 -10.15 -3.12 14.00
N ILE A 190 -10.86 -2.18 13.38
CA ILE A 190 -11.14 -2.24 11.96
C ILE A 190 -9.88 -2.22 11.11
N ASP A 191 -9.02 -1.23 11.34
CA ASP A 191 -7.80 -1.09 10.54
C ASP A 191 -6.86 -2.26 10.75
N THR A 192 -6.85 -2.80 11.97
CA THR A 192 -6.02 -3.96 12.30
C THR A 192 -6.47 -5.19 11.52
N ILE A 193 -7.77 -5.48 11.57
CA ILE A 193 -8.31 -6.67 10.92
C ILE A 193 -8.27 -6.56 9.40
N VAL A 194 -8.56 -5.37 8.87
CA VAL A 194 -8.52 -5.16 7.43
C VAL A 194 -7.10 -5.29 6.87
N ASP A 195 -6.13 -4.67 7.53
CA ASP A 195 -4.73 -4.77 7.09
C ASP A 195 -4.27 -6.23 7.13
N ALA A 196 -4.69 -6.94 8.17
CA ALA A 196 -4.31 -8.34 8.35
C ALA A 196 -4.85 -9.21 7.22
N SER A 197 -6.07 -8.92 6.78
CA SER A 197 -6.69 -9.67 5.70
C SER A 197 -5.94 -9.47 4.39
N ARG A 198 -5.32 -8.30 4.25
CA ARG A 198 -4.56 -8.00 3.03
C ARG A 198 -3.22 -8.74 3.02
N GLU A 199 -2.59 -8.84 4.19
CA GLU A 199 -1.33 -9.57 4.31
C GLU A 199 -1.57 -11.06 4.09
N ILE A 200 -2.68 -11.55 4.62
CA ILE A 200 -3.08 -12.93 4.45
C ILE A 200 -3.35 -13.25 2.98
N THR A 201 -3.97 -12.30 2.29
CA THR A 201 -4.28 -12.45 0.87
C THR A 201 -3.01 -12.69 0.04
N SER A 202 -1.91 -12.06 0.44
CA SER A 202 -0.67 -12.18 -0.30
C SER A 202 0.07 -13.49 -0.04
N LEU A 203 -0.42 -14.29 0.91
CA LEU A 203 0.24 -15.56 1.20
C LEU A 203 0.05 -16.55 0.06
N ASP A 204 0.98 -17.51 -0.05
CA ASP A 204 0.93 -18.49 -1.13
C ASP A 204 -0.32 -19.36 -1.06
N GLY A 205 -1.05 -19.44 -2.17
CA GLY A 205 -2.20 -20.30 -2.27
C GLY A 205 -3.50 -19.68 -1.81
N VAL A 206 -3.41 -18.52 -1.17
CA VAL A 206 -4.60 -17.83 -0.67
C VAL A 206 -5.34 -17.13 -1.80
N LEU A 207 -6.64 -17.37 -1.90
CA LEU A 207 -7.48 -16.76 -2.93
C LEU A 207 -8.00 -15.40 -2.48
N TYR A 208 -8.57 -15.36 -1.28
CA TYR A 208 -8.98 -14.11 -0.66
C TYR A 208 -9.07 -14.26 0.86
N ALA A 209 -9.24 -13.14 1.55
CA ALA A 209 -9.43 -13.13 2.98
C ALA A 209 -10.49 -12.11 3.34
N ILE A 210 -11.59 -12.57 3.93
CA ILE A 210 -12.69 -11.69 4.27
C ILE A 210 -12.52 -11.15 5.69
N PRO A 211 -12.40 -9.83 5.83
CA PRO A 211 -12.45 -9.24 7.17
C PRO A 211 -13.90 -9.16 7.65
N ASN A 212 -14.23 -9.90 8.70
CA ASN A 212 -15.59 -9.98 9.22
C ASN A 212 -15.90 -8.87 10.20
N LEU A 213 -16.41 -7.74 9.69
CA LEU A 213 -16.65 -6.57 10.52
C LEU A 213 -18.09 -6.04 10.38
N ARG A 214 -18.58 -5.41 11.44
CA ARG A 214 -19.92 -4.81 11.44
C ARG A 214 -19.93 -3.56 12.32
N TYR A 215 -20.79 -2.61 11.99
CA TYR A 215 -21.04 -1.47 12.86
C TYR A 215 -21.83 -1.94 14.08
N TYR A 216 -21.10 -2.37 15.11
CA TYR A 216 -21.70 -3.04 16.26
C TYR A 216 -22.59 -2.13 17.10
N GLU A 217 -22.18 -0.88 17.27
CA GLU A 217 -22.95 0.08 18.05
C GLU A 217 -24.31 0.36 17.42
N GLY A 218 -24.39 0.20 16.10
CA GLY A 218 -25.65 0.36 15.40
C GLY A 218 -26.59 -0.81 15.67
N ILE A 219 -26.01 -2.00 15.80
CA ILE A 219 -26.78 -3.19 16.09
C ILE A 219 -27.36 -3.13 17.50
N LEU A 220 -26.59 -2.55 18.41
CA LEU A 220 -26.93 -2.57 19.82
C LEU A 220 -27.80 -1.39 20.25
N PHE A 221 -27.59 -0.22 19.66
CA PHE A 221 -28.23 1.00 20.14
C PHE A 221 -29.34 1.51 19.22
N HIS A 222 -29.27 1.17 17.95
CA HIS A 222 -30.34 1.54 17.01
C HIS A 222 -31.37 0.42 16.88
N GLU A 223 -30.88 -0.81 16.82
CA GLU A 223 -31.73 -1.97 16.61
C GLU A 223 -32.04 -2.67 17.93
N ASN A 224 -31.32 -2.29 18.98
CA ASN A 224 -31.47 -2.87 20.31
C ASN A 224 -31.46 -4.39 20.29
N ASP A 225 -30.62 -4.95 19.42
CA ASP A 225 -30.54 -6.39 19.23
C ASP A 225 -29.30 -6.96 19.93
N ILE A 226 -29.46 -7.30 21.20
CA ILE A 226 -28.37 -7.82 22.02
C ILE A 226 -27.84 -9.15 21.50
N HIS A 227 -28.74 -9.97 20.94
CA HIS A 227 -28.37 -11.30 20.46
C HIS A 227 -27.51 -11.24 19.21
N LYS A 228 -27.90 -10.39 18.27
CA LYS A 228 -27.17 -10.25 17.02
C LYS A 228 -25.82 -9.53 17.24
N PHE A 229 -25.80 -8.62 18.21
CA PHE A 229 -24.56 -7.96 18.58
C PHE A 229 -23.56 -8.97 19.08
N LEU A 230 -24.01 -9.84 19.98
CA LEU A 230 -23.14 -10.85 20.57
C LEU A 230 -22.62 -11.84 19.53
N SER A 231 -23.47 -12.20 18.55
CA SER A 231 -23.06 -13.15 17.53
C SER A 231 -22.05 -12.53 16.57
N GLU A 232 -22.31 -11.29 16.18
CA GLU A 232 -21.50 -10.60 15.17
C GLU A 232 -20.11 -10.21 15.66
N ILE A 233 -20.00 -9.79 16.92
CA ILE A 233 -18.70 -9.38 17.45
C ILE A 233 -17.87 -10.60 17.83
N SER A 234 -18.54 -11.75 17.98
CA SER A 234 -17.86 -13.00 18.31
C SER A 234 -17.42 -13.78 17.07
N GLN A 235 -17.71 -13.22 15.90
CA GLN A 235 -17.32 -13.83 14.63
C GLN A 235 -15.79 -13.92 14.50
N PRO A 236 -15.29 -14.97 13.84
CA PRO A 236 -13.86 -15.01 13.49
C PRO A 236 -13.44 -13.74 12.76
N ALA A 237 -12.30 -13.19 13.14
CA ALA A 237 -11.83 -11.93 12.59
C ALA A 237 -11.72 -11.98 11.07
N ILE A 238 -11.21 -13.09 10.54
CA ILE A 238 -10.96 -13.22 9.11
C ILE A 238 -11.35 -14.60 8.58
N THR A 239 -12.09 -14.63 7.47
CA THR A 239 -12.41 -15.88 6.78
C THR A 239 -11.59 -16.01 5.49
N ILE A 240 -10.84 -17.11 5.38
CA ILE A 240 -9.87 -17.26 4.30
C ILE A 240 -10.24 -18.36 3.29
N SER A 241 -10.26 -18.01 2.02
CA SER A 241 -10.37 -19.00 0.95
C SER A 241 -8.97 -19.30 0.41
N THR A 242 -8.54 -20.56 0.54
CA THR A 242 -7.13 -20.88 0.30
C THR A 242 -6.89 -22.32 -0.15
N LEU A 243 -5.78 -22.52 -0.84
CA LEU A 243 -5.37 -23.86 -1.26
C LEU A 243 -4.53 -24.53 -0.18
N ASN A 244 -3.96 -23.73 0.71
CA ASN A 244 -3.08 -24.24 1.75
C ASN A 244 -3.61 -23.89 3.14
N ASP A 245 -3.25 -24.71 4.14
CA ASP A 245 -3.57 -24.40 5.52
C ASP A 245 -2.67 -23.30 6.06
N VAL A 246 -3.21 -22.10 6.16
CA VAL A 246 -2.43 -20.93 6.55
C VAL A 246 -2.90 -20.35 7.87
N LEU A 247 -3.58 -21.16 8.67
CA LEU A 247 -4.19 -20.70 9.92
C LEU A 247 -3.19 -20.09 10.89
N ASP A 248 -2.12 -20.84 11.17
CA ASP A 248 -1.10 -20.38 12.11
C ASP A 248 -0.41 -19.13 11.59
N GLU A 249 -0.15 -19.10 10.29
CA GLU A 249 0.52 -17.96 9.67
C GLU A 249 -0.40 -16.74 9.69
N ALA A 250 -1.69 -16.97 9.49
CA ALA A 250 -2.69 -15.90 9.55
C ALA A 250 -2.79 -15.33 10.96
N GLU A 251 -2.70 -16.21 11.95
CA GLU A 251 -2.73 -15.80 13.34
C GLU A 251 -1.53 -14.95 13.70
N GLU A 252 -0.35 -15.33 13.21
CA GLU A 252 0.87 -14.58 13.47
C GLU A 252 0.74 -13.18 12.87
N ILE A 253 0.24 -13.11 11.65
CA ILE A 253 0.00 -11.83 10.97
C ILE A 253 -0.92 -10.95 11.79
N LEU A 254 -2.00 -11.54 12.28
CA LEU A 254 -2.99 -10.84 13.08
C LEU A 254 -2.34 -10.32 14.37
N SER A 255 -1.49 -11.13 14.98
CA SER A 255 -0.77 -10.75 16.19
C SER A 255 0.23 -9.61 15.92
N ASN A 256 0.86 -9.65 14.76
CA ASN A 256 1.84 -8.64 14.40
C ASN A 256 1.21 -7.25 14.27
N ASN A 257 0.04 -7.20 13.65
CA ASN A 257 -0.67 -5.94 13.47
C ASN A 257 -1.26 -5.41 14.77
N ILE A 258 -1.59 -6.31 15.70
CA ILE A 258 -2.07 -5.88 17.01
C ILE A 258 -0.92 -5.28 17.81
N ASN A 259 0.25 -5.90 17.72
CA ASN A 259 1.45 -5.43 18.42
C ASN A 259 1.96 -4.10 17.83
N LEU A 260 1.46 -3.77 16.66
CA LEU A 260 1.79 -2.50 16.03
C LEU A 260 1.18 -1.34 16.84
N ILE A 261 0.14 -1.67 17.59
CA ILE A 261 -0.60 -0.68 18.38
C ILE A 261 0.12 -0.29 19.66
N TYR A 262 0.37 1.01 19.81
CA TYR A 262 1.09 1.52 20.98
C TYR A 262 0.24 2.54 21.73
N SER A 263 0.12 2.35 23.04
CA SER A 263 -0.71 3.23 23.85
C SER A 263 0.09 3.74 25.05
N PHE A 264 -0.10 5.02 25.37
CA PHE A 264 0.60 5.62 26.50
C PHE A 264 -0.13 6.88 26.99
N VAL A 265 0.15 7.28 28.22
CA VAL A 265 -0.45 8.49 28.78
C VAL A 265 0.57 9.61 28.90
N GLU A 266 0.30 10.71 28.23
CA GLU A 266 1.15 11.90 28.30
CA GLU A 266 1.13 11.91 28.30
C GLU A 266 0.74 12.75 29.50
N GLU A 267 1.66 12.94 30.44
CA GLU A 267 1.37 13.72 31.63
C GLU A 267 1.52 15.22 31.38
N LEU A 268 0.48 15.97 31.71
CA LEU A 268 0.48 17.42 31.56
C LEU A 268 0.82 18.11 32.87
N VAL B 14 -20.19 13.28 15.19
CA VAL B 14 -19.75 12.11 14.43
C VAL B 14 -20.95 11.41 13.80
N LYS B 15 -20.89 11.27 12.47
CA LYS B 15 -22.00 10.68 11.73
C LYS B 15 -21.68 9.26 11.25
N THR B 16 -22.71 8.46 11.05
CA THR B 16 -22.55 7.13 10.46
C THR B 16 -23.31 7.06 9.14
N ILE B 17 -22.59 6.77 8.06
CA ILE B 17 -23.17 6.79 6.72
C ILE B 17 -22.98 5.45 6.00
N ASP B 18 -24.07 4.87 5.53
CA ASP B 18 -24.02 3.69 4.68
C ASP B 18 -23.98 4.09 3.21
N THR B 19 -23.22 3.36 2.41
CA THR B 19 -23.22 3.58 0.97
C THR B 19 -24.52 3.06 0.39
N LYS B 20 -24.98 3.68 -0.69
CA LYS B 20 -26.19 3.23 -1.37
C LYS B 20 -25.92 1.95 -2.14
N THR B 21 -24.72 1.83 -2.68
CA THR B 21 -24.30 0.62 -3.38
C THR B 21 -24.18 -0.54 -2.39
N ARG B 22 -24.89 -1.63 -2.67
CA ARG B 22 -24.80 -2.80 -1.80
C ARG B 22 -23.77 -3.78 -2.37
N VAL B 23 -23.54 -4.88 -1.67
CA VAL B 23 -22.62 -5.90 -2.15
C VAL B 23 -23.15 -6.55 -3.42
N VAL B 24 -24.47 -6.77 -3.49
CA VAL B 24 -25.07 -7.35 -4.70
C VAL B 24 -24.85 -6.44 -5.90
N ASP B 25 -24.88 -5.14 -5.66
CA ASP B 25 -24.69 -4.17 -6.72
C ASP B 25 -23.27 -4.26 -7.29
N VAL B 26 -22.29 -4.41 -6.41
CA VAL B 26 -20.91 -4.57 -6.85
C VAL B 26 -20.71 -5.87 -7.61
N THR B 27 -21.23 -6.96 -7.04
CA THR B 27 -21.07 -8.27 -7.65
C THR B 27 -21.77 -8.36 -9.02
N ASN B 28 -22.91 -7.71 -9.16
CA ASN B 28 -23.61 -7.68 -10.45
C ASN B 28 -22.82 -6.91 -11.49
N GLU B 29 -22.16 -5.84 -11.07
CA GLU B 29 -21.40 -4.99 -11.97
C GLU B 29 -20.23 -5.79 -12.56
N ILE B 30 -19.57 -6.57 -11.70
CA ILE B 30 -18.46 -7.41 -12.12
C ILE B 30 -18.94 -8.54 -13.02
N ALA B 31 -20.06 -9.15 -12.64
CA ALA B 31 -20.67 -10.22 -13.44
C ALA B 31 -21.08 -9.69 -14.80
N LYS B 32 -21.55 -8.45 -14.81
CA LYS B 32 -21.94 -7.77 -16.04
C LYS B 32 -20.73 -7.58 -16.94
N LYS B 33 -19.60 -7.24 -16.33
CA LYS B 33 -18.35 -7.04 -17.07
C LYS B 33 -17.88 -8.33 -17.74
N LYS B 34 -18.05 -9.45 -17.03
CA LYS B 34 -17.63 -10.74 -17.54
C LYS B 34 -18.51 -11.19 -18.71
N TYR B 35 -19.81 -10.91 -18.63
CA TYR B 35 -20.71 -11.29 -19.71
C TYR B 35 -20.45 -10.52 -20.99
N GLN B 36 -20.23 -9.21 -20.85
CA GLN B 36 -19.98 -8.37 -22.02
C GLN B 36 -18.74 -8.83 -22.76
N ALA B 37 -17.77 -9.34 -22.00
CA ALA B 37 -16.58 -9.93 -22.60
C ALA B 37 -16.99 -11.17 -23.40
N ILE B 38 -17.88 -11.96 -22.82
CA ILE B 38 -18.40 -13.13 -23.49
C ILE B 38 -19.26 -12.74 -24.70
N ARG B 39 -20.11 -11.72 -24.53
CA ARG B 39 -21.00 -11.28 -25.61
C ARG B 39 -20.20 -10.77 -26.80
N ASP B 40 -19.13 -10.03 -26.52
CA ASP B 40 -18.25 -9.51 -27.56
C ASP B 40 -17.58 -10.64 -28.35
N PHE B 41 -17.21 -11.69 -27.64
CA PHE B 41 -16.52 -12.83 -28.24
C PHE B 41 -17.44 -13.66 -29.13
N LEU B 42 -18.73 -13.66 -28.82
CA LEU B 42 -19.71 -14.45 -29.58
C LEU B 42 -20.27 -13.73 -30.80
N GLU B 43 -19.98 -12.43 -30.90
CA GLU B 43 -20.52 -11.55 -31.95
C GLU B 43 -21.94 -11.90 -32.40
N GLY B 44 -22.89 -11.91 -31.47
CA GLY B 44 -24.27 -12.10 -31.87
C GLY B 44 -24.59 -13.49 -32.39
N GLU B 45 -23.83 -14.51 -32.02
CA GLU B 45 -24.09 -15.84 -32.54
C GLU B 45 -25.18 -16.51 -31.72
N GLU B 46 -26.03 -17.27 -32.39
CA GLU B 46 -27.13 -17.94 -31.73
C GLU B 46 -26.89 -19.43 -31.70
N PHE B 47 -27.39 -20.04 -30.63
CA PHE B 47 -27.17 -21.44 -30.38
C PHE B 47 -28.50 -22.13 -30.11
N LYS B 48 -28.52 -23.44 -30.24
CA LYS B 48 -29.73 -24.20 -29.96
C LYS B 48 -29.70 -24.57 -28.49
N GLU B 49 -28.52 -24.86 -28.00
CA GLU B 49 -28.34 -25.29 -26.64
C GLU B 49 -27.06 -24.81 -25.97
N VAL B 50 -27.21 -24.14 -24.83
CA VAL B 50 -26.07 -23.62 -24.09
C VAL B 50 -25.95 -24.29 -22.72
N VAL B 51 -24.78 -24.83 -22.43
CA VAL B 51 -24.53 -25.41 -21.11
C VAL B 51 -23.46 -24.61 -20.37
N ILE B 52 -23.82 -24.11 -19.20
CA ILE B 52 -22.90 -23.31 -18.39
C ILE B 52 -22.57 -24.04 -17.10
N PHE B 53 -21.29 -24.36 -16.89
CA PHE B 53 -20.86 -25.02 -15.66
C PHE B 53 -20.37 -24.01 -14.64
N GLY B 54 -20.77 -24.21 -13.38
CA GLY B 54 -20.37 -23.32 -12.30
C GLY B 54 -21.48 -23.12 -11.29
N VAL B 55 -21.18 -22.38 -10.22
CA VAL B 55 -22.15 -22.09 -9.18
C VAL B 55 -23.20 -21.09 -9.70
N TYR B 56 -24.41 -21.11 -9.11
CA TYR B 56 -25.56 -20.36 -9.61
C TYR B 56 -25.38 -18.86 -9.68
N LEU B 57 -25.09 -18.30 -8.52
CA LEU B 57 -25.14 -16.88 -8.27
C LEU B 57 -24.08 -16.06 -9.00
N TRP B 58 -22.95 -16.67 -9.35
CA TRP B 58 -21.97 -15.94 -10.13
C TRP B 58 -22.23 -16.16 -11.63
N GLY B 59 -22.96 -17.22 -11.96
CA GLY B 59 -23.18 -17.58 -13.35
C GLY B 59 -24.59 -17.36 -13.90
N ASN B 60 -25.52 -16.98 -13.03
CA ASN B 60 -26.91 -16.81 -13.41
C ASN B 60 -27.12 -15.69 -14.42
N TYR B 61 -26.43 -14.57 -14.22
CA TYR B 61 -26.55 -13.42 -15.09
C TYR B 61 -26.18 -13.76 -16.52
N THR B 62 -25.07 -14.48 -16.68
CA THR B 62 -24.64 -14.92 -18.00
C THR B 62 -25.69 -15.83 -18.64
N ALA B 63 -26.28 -16.70 -17.83
CA ALA B 63 -27.31 -17.62 -18.30
C ALA B 63 -28.55 -16.86 -18.77
N GLN B 64 -28.96 -15.86 -17.99
CA GLN B 64 -30.14 -15.07 -18.32
C GLN B 64 -29.94 -14.28 -19.62
N LEU B 66 -27.66 -14.95 -22.08
CA LEU B 66 -27.42 -15.83 -23.21
C LEU B 66 -28.71 -16.50 -23.70
N SER B 67 -29.75 -16.45 -22.88
CA SER B 67 -31.03 -17.06 -23.22
C SER B 67 -31.68 -16.37 -24.41
N LYS B 68 -31.31 -15.11 -24.65
CA LYS B 68 -31.82 -14.35 -25.78
C LYS B 68 -31.18 -14.83 -27.09
N TYR B 69 -30.03 -15.48 -26.99
CA TYR B 69 -29.35 -16.00 -28.16
C TYR B 69 -29.40 -17.53 -28.23
N ALA B 70 -30.30 -18.13 -27.48
CA ALA B 70 -30.37 -19.58 -27.40
C ALA B 70 -31.79 -20.12 -27.26
N ASP B 71 -32.02 -21.32 -27.76
CA ASP B 71 -33.31 -21.98 -27.62
C ASP B 71 -33.48 -22.53 -26.22
N LYS B 72 -32.37 -23.00 -25.63
CA LYS B 72 -32.37 -23.62 -24.32
C LYS B 72 -31.03 -23.41 -23.62
N VAL B 73 -31.09 -23.02 -22.35
CA VAL B 73 -29.88 -22.78 -21.57
C VAL B 73 -29.87 -23.62 -20.30
N TYR B 74 -28.80 -24.37 -20.11
CA TYR B 74 -28.63 -25.17 -18.90
C TYR B 74 -27.57 -24.58 -17.97
N LEU B 75 -27.94 -24.40 -16.71
CA LEU B 75 -26.99 -23.99 -15.69
C LEU B 75 -26.65 -25.19 -14.81
N VAL B 76 -25.45 -25.73 -14.98
CA VAL B 76 -25.05 -26.92 -14.24
C VAL B 76 -24.10 -26.60 -13.10
N ASP B 77 -24.54 -26.90 -11.88
CA ASP B 77 -23.73 -26.73 -10.68
C ASP B 77 -23.40 -28.06 -10.05
N ILE B 78 -22.27 -28.12 -9.34
CA ILE B 78 -21.95 -29.30 -8.55
C ILE B 78 -22.50 -28.97 -7.16
N HIS B 79 -23.83 -29.02 -7.02
CA HIS B 79 -24.50 -28.79 -5.74
C HIS B 79 -25.74 -29.66 -5.54
N ILE B 92 -34.46 -21.16 -18.90
CA ILE B 92 -33.25 -21.63 -18.24
C ILE B 92 -33.58 -22.81 -17.32
N LYS B 93 -32.80 -23.88 -17.40
CA LYS B 93 -33.02 -25.05 -16.58
C LYS B 93 -31.84 -25.17 -15.61
N PHE B 94 -32.12 -25.39 -14.32
CA PHE B 94 -31.05 -25.50 -13.33
C PHE B 94 -30.87 -26.97 -12.95
N LEU B 95 -29.66 -27.49 -13.10
CA LEU B 95 -29.43 -28.89 -12.81
C LEU B 95 -28.15 -29.05 -12.00
N ASN B 96 -28.06 -30.06 -11.12
CA ASN B 96 -26.75 -30.37 -10.57
C ASN B 96 -26.06 -31.33 -11.55
N LEU B 97 -24.76 -31.54 -11.36
CA LEU B 97 -23.95 -32.34 -12.29
C LEU B 97 -24.53 -33.75 -12.61
N ASN B 98 -25.07 -34.45 -11.62
CA ASN B 98 -25.56 -35.82 -11.85
C ASN B 98 -26.84 -35.90 -12.69
N GLU B 99 -27.73 -34.92 -12.57
CA GLU B 99 -28.87 -34.89 -13.48
C GLU B 99 -28.43 -34.64 -14.90
N PHE B 100 -27.46 -33.74 -15.06
CA PHE B 100 -26.95 -33.38 -16.38
C PHE B 100 -26.25 -34.53 -17.09
N LYS B 101 -25.44 -35.29 -16.38
CA LYS B 101 -24.74 -36.42 -17.00
C LYS B 101 -25.70 -37.49 -17.46
N LEU B 102 -26.71 -37.81 -16.64
CA LEU B 102 -27.71 -38.78 -17.04
C LEU B 102 -28.50 -38.27 -18.24
N LYS B 103 -28.77 -36.97 -18.27
CA LYS B 103 -29.48 -36.35 -19.38
C LYS B 103 -28.62 -36.40 -20.64
N PHE B 104 -27.32 -36.26 -20.45
CA PHE B 104 -26.35 -36.26 -21.53
C PHE B 104 -26.16 -37.64 -22.12
N ILE B 105 -26.14 -38.65 -21.26
CA ILE B 105 -26.01 -40.04 -21.67
C ILE B 105 -27.28 -40.51 -22.37
N ARG B 106 -28.43 -40.04 -21.89
CA ARG B 106 -29.70 -40.35 -22.52
C ARG B 106 -29.82 -39.67 -23.88
N GLY B 107 -28.89 -38.76 -24.16
CA GLY B 107 -28.84 -38.05 -25.42
C GLY B 107 -29.89 -36.96 -25.57
N GLU B 108 -30.32 -36.38 -24.46
CA GLU B 108 -31.33 -35.32 -24.52
C GLU B 108 -30.67 -33.97 -24.64
N VAL B 109 -29.39 -33.90 -24.31
CA VAL B 109 -28.66 -32.65 -24.41
C VAL B 109 -27.36 -32.80 -25.20
N ASN B 110 -27.12 -31.86 -26.11
CA ASN B 110 -25.88 -31.80 -26.88
C ASN B 110 -25.67 -30.38 -27.38
N PRO B 111 -25.05 -29.55 -26.53
CA PRO B 111 -24.90 -28.10 -26.68
C PRO B 111 -23.92 -27.66 -27.78
N ASP B 112 -24.27 -26.57 -28.44
CA ASP B 112 -23.39 -25.90 -29.39
C ASP B 112 -22.37 -25.05 -28.65
N LEU B 113 -22.79 -24.54 -27.49
CA LEU B 113 -21.96 -23.65 -26.69
C LEU B 113 -21.76 -24.18 -25.27
N ILE B 114 -20.51 -24.23 -24.86
CA ILE B 114 -20.17 -24.62 -23.50
C ILE B 114 -19.43 -23.48 -22.83
N VAL B 115 -19.93 -23.04 -21.68
CA VAL B 115 -19.24 -22.02 -20.91
C VAL B 115 -18.87 -22.59 -19.55
N ASP B 116 -17.57 -22.76 -19.31
CA ASP B 116 -17.07 -23.32 -18.06
C ASP B 116 -16.57 -22.24 -17.10
N LEU B 117 -17.33 -22.00 -16.03
CA LEU B 117 -16.99 -20.98 -15.06
C LEU B 117 -16.62 -21.56 -13.70
N THR B 118 -16.26 -22.85 -13.68
CA THR B 118 -16.01 -23.53 -12.42
C THR B 118 -14.69 -23.12 -11.78
N GLY B 119 -13.66 -22.93 -12.61
CA GLY B 119 -12.37 -22.48 -12.11
C GLY B 119 -11.60 -23.57 -11.38
N LEU B 120 -10.93 -23.17 -10.29
CA LEU B 120 -10.07 -24.07 -9.54
C LEU B 120 -10.82 -25.26 -8.96
N GLY B 121 -10.31 -26.46 -9.25
CA GLY B 121 -10.92 -27.69 -8.76
C GLY B 121 -12.31 -27.86 -9.32
N GLY B 122 -12.50 -27.40 -10.54
CA GLY B 122 -13.80 -27.42 -11.18
C GLY B 122 -14.07 -28.65 -12.01
N ILE B 123 -14.70 -28.44 -13.16
CA ILE B 123 -15.10 -29.54 -14.02
C ILE B 123 -13.87 -30.24 -14.61
N GLU B 124 -13.92 -31.56 -14.68
CA GLU B 124 -12.79 -32.34 -15.18
C GLU B 124 -12.66 -32.28 -16.69
N PRO B 125 -11.42 -32.17 -17.19
CA PRO B 125 -11.13 -32.16 -18.63
C PRO B 125 -11.59 -33.46 -19.29
N GLU B 126 -11.61 -34.54 -18.51
CA GLU B 126 -11.98 -35.85 -19.03
C GLU B 126 -13.48 -35.93 -19.29
N PHE B 127 -14.25 -35.14 -18.53
CA PHE B 127 -15.68 -35.04 -18.77
C PHE B 127 -16.01 -34.11 -19.93
N LEU B 128 -15.24 -33.04 -20.06
CA LEU B 128 -15.42 -32.09 -21.16
C LEU B 128 -15.14 -32.74 -22.51
N ALA B 129 -14.23 -33.70 -22.52
CA ALA B 129 -13.79 -34.35 -23.74
C ALA B 129 -14.89 -35.12 -24.46
N LYS B 130 -15.98 -35.44 -23.75
CA LYS B 130 -17.10 -36.15 -24.35
C LYS B 130 -17.93 -35.26 -25.27
N PHE B 131 -17.81 -33.94 -25.08
CA PHE B 131 -18.66 -33.01 -25.80
C PHE B 131 -18.05 -32.55 -27.11
N ASN B 132 -18.90 -32.03 -27.98
CA ASN B 132 -18.49 -31.52 -29.28
C ASN B 132 -19.21 -30.22 -29.64
N PRO B 133 -18.92 -29.14 -28.91
CA PRO B 133 -19.61 -27.88 -29.16
C PRO B 133 -19.00 -27.14 -30.35
N LYS B 134 -19.70 -26.13 -30.87
CA LYS B 134 -19.11 -25.29 -31.90
C LYS B 134 -18.24 -24.24 -31.22
N VAL B 135 -18.68 -23.79 -30.06
CA VAL B 135 -17.94 -22.80 -29.29
C VAL B 135 -17.75 -23.25 -27.85
N PHE B 136 -16.51 -23.17 -27.36
CA PHE B 136 -16.19 -23.51 -25.98
C PHE B 136 -15.47 -22.36 -25.29
N ILE B 137 -16.00 -21.94 -24.14
CA ILE B 137 -15.42 -20.87 -23.35
C ILE B 137 -15.10 -21.32 -21.93
N VAL B 138 -13.87 -21.11 -21.50
CA VAL B 138 -13.46 -21.47 -20.14
C VAL B 138 -12.90 -20.24 -19.42
N GLU B 139 -13.24 -20.09 -18.15
CA GLU B 139 -12.75 -18.98 -17.35
C GLU B 139 -11.40 -19.28 -16.72
N ASP B 140 -10.41 -18.45 -17.02
CA ASP B 140 -9.11 -18.50 -16.38
C ASP B 140 -9.25 -17.97 -14.96
N PRO B 141 -9.05 -18.84 -13.95
CA PRO B 141 -9.22 -18.41 -12.57
C PRO B 141 -8.05 -17.57 -12.07
N LYS B 142 -6.90 -17.69 -12.72
CA LYS B 142 -5.68 -17.02 -12.26
C LYS B 142 -5.77 -15.50 -12.29
N GLY B 143 -5.25 -14.87 -11.24
CA GLY B 143 -5.14 -13.43 -11.17
C GLY B 143 -3.68 -13.00 -11.16
N VAL B 144 -3.27 -12.29 -10.11
CA VAL B 144 -1.86 -11.96 -9.95
C VAL B 144 -1.13 -13.27 -9.69
N PHE B 145 0.14 -13.35 -10.08
CA PHE B 145 0.86 -14.61 -10.01
C PHE B 145 0.95 -15.16 -8.59
N ASP B 146 0.59 -16.43 -8.47
CA ASP B 146 0.71 -17.18 -7.23
C ASP B 146 1.14 -18.59 -7.61
N VAL B 147 2.29 -19.03 -7.10
CA VAL B 147 2.87 -20.30 -7.54
C VAL B 147 1.92 -21.48 -7.33
N ASP B 148 1.19 -21.48 -6.22
CA ASP B 148 0.28 -22.58 -5.93
C ASP B 148 -1.00 -22.51 -6.77
N ILE B 149 -1.54 -21.30 -6.92
CA ILE B 149 -2.74 -21.11 -7.73
C ILE B 149 -2.43 -21.39 -9.19
N TYR B 150 -1.25 -20.96 -9.63
CA TYR B 150 -0.82 -21.16 -11.01
C TYR B 150 -0.71 -22.64 -11.34
N GLU B 151 -0.12 -23.42 -10.43
CA GLU B 151 0.08 -24.85 -10.65
C GLU B 151 -1.22 -25.66 -10.54
N ALA B 152 -2.14 -25.20 -9.69
CA ALA B 152 -3.41 -25.91 -9.51
C ALA B 152 -4.35 -25.70 -10.70
N ASP B 153 -4.07 -24.67 -11.49
CA ASP B 153 -4.86 -24.34 -12.67
C ASP B 153 -4.65 -25.33 -13.82
N ASN B 154 -5.74 -25.72 -14.47
CA ASN B 154 -5.67 -26.59 -15.65
C ASN B 154 -6.59 -26.11 -16.77
N THR B 155 -6.71 -24.79 -16.90
CA THR B 155 -7.56 -24.15 -17.91
C THR B 155 -7.27 -24.62 -19.32
N TYR B 156 -6.00 -24.66 -19.69
CA TYR B 156 -5.60 -24.99 -21.05
C TYR B 156 -5.60 -26.50 -21.29
N LYS B 157 -5.77 -27.25 -20.21
CA LYS B 157 -5.95 -28.70 -20.34
C LYS B 157 -7.42 -28.99 -20.66
N ARG B 158 -8.27 -28.00 -20.36
CA ARG B 158 -9.69 -28.10 -20.66
C ARG B 158 -9.98 -27.68 -22.09
N THR B 159 -9.11 -26.83 -22.64
CA THR B 159 -9.27 -26.34 -24.01
C THR B 159 -8.68 -27.31 -25.03
N ALA B 160 -7.74 -28.12 -24.57
CA ALA B 160 -6.98 -29.04 -25.42
C ALA B 160 -7.82 -29.93 -26.35
N PRO B 161 -8.90 -30.55 -25.82
CA PRO B 161 -9.62 -31.45 -26.74
C PRO B 161 -10.48 -30.70 -27.75
N PHE B 162 -10.50 -29.37 -27.67
CA PHE B 162 -11.34 -28.59 -28.55
C PHE B 162 -10.52 -27.70 -29.46
N ILE B 163 -9.22 -27.61 -29.21
CA ILE B 163 -8.40 -26.72 -30.00
C ILE B 163 -8.47 -27.23 -31.44
N GLU B 164 -8.88 -26.33 -32.33
CA GLU B 164 -9.00 -26.55 -33.79
C GLU B 164 -10.36 -27.11 -34.26
N LYS B 165 -11.11 -27.75 -33.37
CA LYS B 165 -12.39 -28.40 -33.75
C LYS B 165 -13.59 -27.55 -33.32
N ALA B 166 -13.31 -26.41 -32.69
CA ALA B 166 -14.34 -25.50 -32.22
C ALA B 166 -13.74 -24.12 -32.01
N LYS B 167 -14.60 -23.11 -31.85
CA LYS B 167 -14.13 -21.78 -31.50
C LYS B 167 -13.85 -21.72 -30.00
N VAL B 168 -12.58 -21.57 -29.64
CA VAL B 168 -12.19 -21.64 -28.24
C VAL B 168 -11.73 -20.28 -27.70
N GLY B 169 -12.29 -19.90 -26.55
CA GLY B 169 -11.91 -18.67 -25.89
C GLY B 169 -11.65 -18.86 -24.41
N VAL B 170 -10.71 -18.09 -23.88
CA VAL B 170 -10.39 -18.15 -22.46
C VAL B 170 -10.75 -16.82 -21.79
N LEU B 171 -11.73 -16.86 -20.89
CA LEU B 171 -12.21 -15.65 -20.23
C LEU B 171 -11.25 -15.22 -19.13
N LYS B 172 -10.68 -14.03 -19.30
CA LYS B 172 -9.73 -13.50 -18.33
C LYS B 172 -10.25 -12.19 -17.72
N THR B 173 -10.05 -12.02 -16.42
CA THR B 173 -10.51 -10.81 -15.72
C THR B 173 -9.50 -10.35 -14.69
N TYR B 174 -9.03 -9.11 -14.84
CA TYR B 174 -8.03 -8.56 -13.93
C TYR B 174 -8.43 -7.18 -13.39
N ARG B 175 -7.85 -6.83 -12.25
CA ARG B 175 -7.91 -5.47 -11.72
C ARG B 175 -6.64 -4.74 -12.18
N LYS B 176 -6.81 -3.69 -12.97
CA LYS B 176 -5.65 -2.99 -13.53
C LYS B 176 -4.76 -2.38 -12.46
N ALA B 177 -3.50 -2.83 -12.45
CA ALA B 177 -2.48 -2.36 -11.53
C ALA B 177 -2.86 -2.53 -10.06
N ARG B 178 -3.58 -3.61 -9.77
CA ARG B 178 -3.95 -3.96 -8.41
C ARG B 178 -3.68 -5.44 -8.19
N VAL B 179 -3.71 -5.88 -6.94
CA VAL B 179 -3.49 -7.29 -6.64
C VAL B 179 -4.79 -8.04 -6.34
N SER B 180 -5.05 -9.07 -7.14
CA SER B 180 -6.12 -10.03 -6.85
C SER B 180 -5.62 -11.43 -7.16
N LYS B 181 -5.80 -12.35 -6.20
CA LYS B 181 -5.24 -13.68 -6.32
C LYS B 181 -5.96 -14.53 -7.35
N THR B 182 -7.25 -14.28 -7.55
CA THR B 182 -8.00 -14.97 -8.60
C THR B 182 -8.81 -13.99 -9.43
N SER B 183 -9.55 -14.53 -10.40
CA SER B 183 -10.43 -13.71 -11.23
C SER B 183 -11.89 -13.97 -10.84
N GLY B 184 -12.09 -14.72 -9.76
CA GLY B 184 -13.42 -15.03 -9.28
C GLY B 184 -14.18 -13.78 -8.90
N THR B 185 -15.48 -13.76 -9.19
CA THR B 185 -16.32 -12.60 -8.90
C THR B 185 -16.32 -12.28 -7.41
N THR B 187 -13.96 -12.99 -5.20
CA THR B 187 -12.64 -12.43 -4.89
C THR B 187 -12.54 -10.96 -5.30
N LEU B 188 -12.96 -10.67 -6.52
CA LEU B 188 -12.93 -9.32 -7.05
C LEU B 188 -13.82 -8.39 -6.24
N THR B 189 -14.98 -8.91 -5.84
CA THR B 189 -15.93 -8.13 -5.04
C THR B 189 -15.30 -7.72 -3.70
N ILE B 190 -14.66 -8.68 -3.04
CA ILE B 190 -14.01 -8.45 -1.76
C ILE B 190 -12.88 -7.42 -1.87
N ASP B 191 -11.97 -7.65 -2.80
CA ASP B 191 -10.81 -6.77 -2.98
C ASP B 191 -11.23 -5.37 -3.42
N THR B 192 -12.29 -5.28 -4.21
CA THR B 192 -12.82 -3.99 -4.64
C THR B 192 -13.37 -3.20 -3.47
N ILE B 193 -14.19 -3.85 -2.65
CA ILE B 193 -14.85 -3.18 -1.53
C ILE B 193 -13.86 -2.80 -0.43
N VAL B 194 -12.91 -3.68 -0.14
CA VAL B 194 -11.91 -3.42 0.88
C VAL B 194 -11.00 -2.26 0.49
N ASP B 195 -10.54 -2.26 -0.75
CA ASP B 195 -9.69 -1.17 -1.24
C ASP B 195 -10.44 0.16 -1.20
N ALA B 196 -11.72 0.12 -1.56
CA ALA B 196 -12.55 1.32 -1.57
C ALA B 196 -12.69 1.86 -0.16
N SER B 197 -12.83 0.96 0.82
CA SER B 197 -12.97 1.37 2.21
C SER B 197 -11.71 2.04 2.73
N ARG B 198 -10.56 1.66 2.18
CA ARG B 198 -9.29 2.25 2.59
C ARG B 198 -9.12 3.65 2.03
N GLU B 199 -9.57 3.84 0.79
CA GLU B 199 -9.50 5.14 0.15
C GLU B 199 -10.48 6.12 0.81
N ILE B 200 -11.64 5.62 1.18
CA ILE B 200 -12.64 6.43 1.88
C ILE B 200 -12.11 6.87 3.23
N THR B 201 -11.40 5.96 3.90
CA THR B 201 -10.78 6.25 5.19
C THR B 201 -9.80 7.42 5.07
N SER B 202 -9.15 7.53 3.92
CA SER B 202 -8.15 8.56 3.70
C SER B 202 -8.78 9.93 3.44
N LEU B 203 -10.09 9.97 3.30
CA LEU B 203 -10.79 11.24 3.08
C LEU B 203 -10.83 12.09 4.34
N ASP B 204 -10.92 13.40 4.15
CA ASP B 204 -10.95 14.35 5.26
C ASP B 204 -12.19 14.18 6.14
N GLY B 205 -11.96 14.07 7.44
CA GLY B 205 -13.04 13.99 8.40
C GLY B 205 -13.55 12.58 8.65
N VAL B 206 -13.11 11.63 7.83
CA VAL B 206 -13.54 10.24 7.99
C VAL B 206 -12.77 9.57 9.12
N LEU B 207 -13.49 8.94 10.04
CA LEU B 207 -12.88 8.24 11.17
C LEU B 207 -12.51 6.81 10.78
N TYR B 208 -13.48 6.09 10.20
CA TYR B 208 -13.20 4.76 9.65
C TYR B 208 -14.23 4.41 8.58
N ALA B 209 -13.96 3.32 7.86
CA ALA B 209 -14.88 2.79 6.86
C ALA B 209 -14.92 1.28 6.94
N ILE B 210 -16.09 0.74 7.27
CA ILE B 210 -16.26 -0.70 7.44
C ILE B 210 -16.69 -1.39 6.15
N PRO B 211 -15.89 -2.35 5.67
CA PRO B 211 -16.31 -3.20 4.56
C PRO B 211 -17.28 -4.30 5.04
N ASN B 212 -18.53 -4.24 4.59
CA ASN B 212 -19.53 -5.22 5.01
C ASN B 212 -19.52 -6.46 4.13
N LEU B 213 -18.70 -7.44 4.50
CA LEU B 213 -18.52 -8.64 3.70
C LEU B 213 -18.72 -9.91 4.54
N ARG B 214 -19.17 -10.97 3.90
CA ARG B 214 -19.33 -12.28 4.54
C ARG B 214 -19.12 -13.39 3.52
N TYR B 215 -18.68 -14.56 3.98
CA TYR B 215 -18.65 -15.74 3.13
C TYR B 215 -20.07 -16.24 2.83
N TYR B 216 -20.63 -15.71 1.74
CA TYR B 216 -22.04 -15.90 1.40
C TYR B 216 -22.38 -17.35 1.03
N GLU B 217 -21.49 -17.99 0.30
CA GLU B 217 -21.72 -19.37 -0.14
C GLU B 217 -21.82 -20.33 1.04
N GLY B 218 -21.17 -19.96 2.15
CA GLY B 218 -21.26 -20.75 3.36
C GLY B 218 -22.61 -20.61 4.03
N ILE B 219 -23.20 -19.43 3.96
CA ILE B 219 -24.51 -19.23 4.56
C ILE B 219 -25.60 -19.98 3.78
N LEU B 220 -25.44 -20.04 2.46
CA LEU B 220 -26.46 -20.55 1.56
C LEU B 220 -26.41 -22.06 1.32
N PHE B 221 -25.20 -22.60 1.26
CA PHE B 221 -25.00 -23.99 0.84
C PHE B 221 -24.64 -24.87 2.03
N HIS B 222 -24.09 -24.30 3.10
CA HIS B 222 -23.75 -25.10 4.30
C HIS B 222 -24.95 -25.15 5.18
N GLU B 223 -25.41 -23.93 5.47
CA GLU B 223 -26.37 -23.65 6.51
C GLU B 223 -27.77 -23.62 5.94
N ASN B 224 -27.84 -23.67 4.62
CA ASN B 224 -29.12 -23.63 3.92
C ASN B 224 -30.00 -22.47 4.37
N ASP B 225 -29.38 -21.34 4.68
CA ASP B 225 -30.11 -20.18 5.17
C ASP B 225 -30.24 -19.11 4.09
N ILE B 226 -31.28 -19.24 3.27
CA ILE B 226 -31.53 -18.30 2.18
C ILE B 226 -31.85 -16.91 2.74
N HIS B 227 -32.49 -16.90 3.91
CA HIS B 227 -32.94 -15.66 4.53
C HIS B 227 -31.78 -14.79 5.01
N LYS B 228 -30.80 -15.42 5.66
CA LYS B 228 -29.63 -14.71 6.15
C LYS B 228 -28.71 -14.32 5.00
N PHE B 229 -28.67 -15.18 3.98
CA PHE B 229 -27.86 -14.92 2.79
C PHE B 229 -28.30 -13.66 2.05
N LEU B 230 -29.59 -13.55 1.78
CA LEU B 230 -30.12 -12.39 1.07
C LEU B 230 -29.93 -11.11 1.88
N SER B 231 -30.03 -11.24 3.21
CA SER B 231 -29.87 -10.09 4.09
C SER B 231 -28.41 -9.63 4.11
N GLU B 232 -27.49 -10.58 4.19
CA GLU B 232 -26.06 -10.24 4.28
C GLU B 232 -25.50 -9.71 2.96
N ILE B 233 -25.97 -10.25 1.85
CA ILE B 233 -25.45 -9.83 0.56
C ILE B 233 -26.09 -8.49 0.15
N SER B 234 -27.23 -8.17 0.75
CA SER B 234 -27.91 -6.91 0.45
C SER B 234 -27.40 -5.79 1.34
N GLN B 235 -26.43 -6.10 2.19
CA GLN B 235 -25.83 -5.10 3.06
C GLN B 235 -25.17 -4.01 2.23
N PRO B 236 -25.22 -2.76 2.72
CA PRO B 236 -24.45 -1.67 2.12
C PRO B 236 -22.98 -2.07 2.05
N ALA B 237 -22.33 -1.79 0.92
CA ALA B 237 -20.95 -2.21 0.72
C ALA B 237 -20.03 -1.70 1.82
N ILE B 238 -20.21 -0.45 2.21
CA ILE B 238 -19.33 0.18 3.20
C ILE B 238 -20.10 1.05 4.19
N THR B 239 -19.80 0.87 5.48
CA THR B 239 -20.36 1.72 6.53
C THR B 239 -19.30 2.71 7.02
N ILE B 240 -19.61 4.00 6.92
CA ILE B 240 -18.63 5.05 7.17
C ILE B 240 -18.90 5.86 8.44
N SER B 241 -17.91 5.95 9.31
CA SER B 241 -17.97 6.88 10.44
C SER B 241 -17.20 8.15 10.08
N THR B 242 -17.90 9.28 10.03
CA THR B 242 -17.32 10.49 9.46
C THR B 242 -17.86 11.78 10.05
N LEU B 243 -17.07 12.85 9.96
CA LEU B 243 -17.49 14.17 10.41
C LEU B 243 -18.18 14.93 9.29
N ASN B 244 -17.95 14.50 8.06
CA ASN B 244 -18.49 15.17 6.89
C ASN B 244 -19.40 14.26 6.05
N ASP B 245 -20.30 14.86 5.28
CA ASP B 245 -21.10 14.09 4.35
C ASP B 245 -20.20 13.67 3.20
N VAL B 246 -19.82 12.41 3.23
CA VAL B 246 -18.83 11.89 2.29
C VAL B 246 -19.45 10.82 1.39
N LEU B 247 -20.78 10.81 1.34
CA LEU B 247 -21.53 9.80 0.59
C LEU B 247 -21.23 9.77 -0.90
N ASP B 248 -21.31 10.94 -1.54
CA ASP B 248 -21.07 11.02 -2.98
C ASP B 248 -19.64 10.63 -3.36
N GLU B 249 -18.68 11.06 -2.55
CA GLU B 249 -17.28 10.74 -2.80
C GLU B 249 -17.03 9.24 -2.59
N ALA B 250 -17.71 8.68 -1.59
CA ALA B 250 -17.62 7.26 -1.31
C ALA B 250 -18.17 6.43 -2.46
N GLU B 251 -19.28 6.88 -3.04
CA GLU B 251 -19.87 6.20 -4.18
C GLU B 251 -18.94 6.27 -5.38
N GLU B 252 -18.35 7.44 -5.62
CA GLU B 252 -17.42 7.64 -6.72
C GLU B 252 -16.17 6.76 -6.56
N ILE B 253 -15.59 6.75 -5.36
CA ILE B 253 -14.43 5.90 -5.08
C ILE B 253 -14.78 4.44 -5.35
N LEU B 254 -15.94 4.02 -4.87
CA LEU B 254 -16.41 2.66 -5.09
C LEU B 254 -16.57 2.39 -6.58
N SER B 255 -17.11 3.37 -7.29
CA SER B 255 -17.31 3.27 -8.73
C SER B 255 -15.97 3.19 -9.48
N ASN B 256 -14.98 3.95 -8.99
CA ASN B 256 -13.66 3.98 -9.62
C ASN B 256 -12.94 2.64 -9.54
N ASN B 257 -13.03 1.98 -8.38
CA ASN B 257 -12.37 0.70 -8.19
C ASN B 257 -13.04 -0.40 -9.01
N ILE B 258 -14.33 -0.26 -9.27
CA ILE B 258 -15.05 -1.21 -10.10
C ILE B 258 -14.58 -1.08 -11.56
N ASN B 259 -14.35 0.17 -11.98
CA ASN B 259 -13.90 0.46 -13.33
C ASN B 259 -12.46 0.01 -13.60
N LEU B 260 -11.71 -0.26 -12.54
CA LEU B 260 -10.36 -0.82 -12.66
C LEU B 260 -10.39 -2.25 -13.19
N ILE B 261 -11.54 -2.90 -13.04
CA ILE B 261 -11.70 -4.29 -13.45
C ILE B 261 -11.85 -4.42 -14.96
N TYR B 262 -10.96 -5.20 -15.57
CA TYR B 262 -10.96 -5.38 -17.02
C TYR B 262 -11.17 -6.86 -17.36
N SER B 263 -12.12 -7.12 -18.25
CA SER B 263 -12.44 -8.49 -18.63
C SER B 263 -12.44 -8.65 -20.14
N PHE B 264 -11.92 -9.77 -20.62
CA PHE B 264 -11.89 -10.05 -22.04
C PHE B 264 -11.75 -11.54 -22.29
N VAL B 265 -12.11 -11.97 -23.49
CA VAL B 265 -11.98 -13.36 -23.88
C VAL B 265 -10.84 -13.54 -24.88
N GLU B 266 -9.87 -14.36 -24.51
CA GLU B 266 -8.73 -14.66 -25.37
C GLU B 266 -9.06 -15.80 -26.32
N GLU B 267 -9.06 -15.51 -27.62
CA GLU B 267 -9.36 -16.53 -28.61
C GLU B 267 -8.12 -17.36 -28.92
N LEU B 268 -8.25 -18.68 -28.79
CA LEU B 268 -7.14 -19.58 -29.08
C LEU B 268 -7.20 -20.15 -30.49
N VAL C 14 21.00 11.84 14.60
CA VAL C 14 20.51 11.28 13.35
C VAL C 14 21.66 10.68 12.55
N LYS C 15 21.52 9.41 12.19
CA LYS C 15 22.58 8.68 11.48
C LYS C 15 22.20 8.49 10.02
N THR C 16 23.22 8.38 9.16
CA THR C 16 22.97 8.02 7.76
C THR C 16 23.68 6.70 7.46
N ILE C 17 22.91 5.71 7.04
CA ILE C 17 23.44 4.37 6.82
C ILE C 17 23.19 3.85 5.42
N ASP C 18 24.26 3.45 4.74
CA ASP C 18 24.16 2.80 3.43
C ASP C 18 24.08 1.29 3.61
N THR C 19 23.27 0.65 2.78
CA THR C 19 23.20 -0.81 2.76
C THR C 19 24.46 -1.37 2.14
N LYS C 20 24.84 -2.59 2.53
CA LYS C 20 25.99 -3.24 1.95
C LYS C 20 25.64 -3.68 0.53
N THR C 21 24.39 -4.11 0.37
CA THR C 21 23.88 -4.54 -0.92
C THR C 21 23.78 -3.36 -1.89
N ARG C 22 24.42 -3.52 -3.04
CA ARG C 22 24.39 -2.50 -4.08
C ARG C 22 23.31 -2.80 -5.11
N VAL C 23 23.15 -1.91 -6.08
CA VAL C 23 22.16 -2.12 -7.13
C VAL C 23 22.54 -3.29 -8.03
N VAL C 24 23.84 -3.43 -8.33
CA VAL C 24 24.32 -4.56 -9.13
C VAL C 24 24.05 -5.88 -8.46
N ASP C 25 24.13 -5.88 -7.13
CA ASP C 25 23.92 -7.07 -6.34
C ASP C 25 22.48 -7.55 -6.48
N VAL C 26 21.55 -6.61 -6.47
CA VAL C 26 20.14 -6.92 -6.67
C VAL C 26 19.95 -7.42 -8.09
N THR C 27 20.58 -6.72 -9.03
CA THR C 27 20.49 -7.05 -10.44
C THR C 27 21.08 -8.43 -10.75
N ASN C 28 22.20 -8.75 -10.13
CA ASN C 28 22.82 -10.06 -10.31
C ASN C 28 21.95 -11.18 -9.76
N GLU C 29 21.32 -10.91 -8.63
CA GLU C 29 20.48 -11.90 -7.98
C GLU C 29 19.25 -12.25 -8.82
N ILE C 30 18.65 -11.22 -9.41
CA ILE C 30 17.49 -11.43 -10.28
C ILE C 30 17.91 -12.14 -11.56
N ALA C 31 19.05 -11.74 -12.11
CA ALA C 31 19.60 -12.37 -13.31
C ALA C 31 19.92 -13.83 -13.03
N LYS C 32 20.40 -14.08 -11.81
CA LYS C 32 20.70 -15.42 -11.34
C LYS C 32 19.44 -16.28 -11.30
N LYS C 33 18.34 -15.67 -10.86
CA LYS C 33 17.05 -16.36 -10.79
C LYS C 33 16.56 -16.75 -12.18
N LYS C 34 16.76 -15.87 -13.15
CA LYS C 34 16.31 -16.12 -14.52
C LYS C 34 17.14 -17.20 -15.19
N TYR C 35 18.46 -17.21 -14.93
CA TYR C 35 19.31 -18.22 -15.56
C TYR C 35 19.04 -19.62 -15.03
N GLN C 36 18.87 -19.75 -13.72
CA GLN C 36 18.61 -21.05 -13.11
C GLN C 36 17.32 -21.65 -13.66
N ALA C 37 16.36 -20.79 -13.97
CA ALA C 37 15.12 -21.21 -14.61
C ALA C 37 15.43 -21.81 -15.99
N ILE C 38 16.32 -21.14 -16.71
CA ILE C 38 16.77 -21.61 -18.02
C ILE C 38 17.56 -22.91 -17.87
N ARG C 39 18.43 -22.94 -16.86
CA ARG C 39 19.29 -24.10 -16.63
C ARG C 39 18.47 -25.35 -16.36
N ASP C 40 17.43 -25.18 -15.53
CA ASP C 40 16.53 -26.28 -15.19
C ASP C 40 15.79 -26.81 -16.42
N PHE C 41 15.41 -25.88 -17.29
CA PHE C 41 14.68 -26.21 -18.51
C PHE C 41 15.55 -26.95 -19.51
N LEU C 42 16.86 -26.68 -19.48
CA LEU C 42 17.78 -27.30 -20.43
C LEU C 42 18.21 -28.67 -19.95
N GLU C 43 17.90 -28.97 -18.69
CA GLU C 43 18.23 -30.24 -18.04
C GLU C 43 19.61 -30.80 -18.34
N GLY C 44 20.64 -29.97 -18.20
CA GLY C 44 22.00 -30.45 -18.36
C GLY C 44 22.36 -30.81 -19.79
N GLU C 45 21.65 -30.24 -20.76
CA GLU C 45 21.93 -30.51 -22.16
C GLU C 45 23.00 -29.57 -22.68
N GLU C 46 23.86 -30.11 -23.55
CA GLU C 46 24.98 -29.36 -24.09
C GLU C 46 24.77 -29.10 -25.58
N PHE C 47 25.27 -27.95 -26.02
CA PHE C 47 25.04 -27.48 -27.38
C PHE C 47 26.36 -27.09 -28.06
N LYS C 48 26.31 -27.00 -29.39
CA LYS C 48 27.48 -26.61 -30.16
C LYS C 48 27.55 -25.10 -30.32
N GLU C 49 26.39 -24.49 -30.53
CA GLU C 49 26.33 -23.06 -30.77
C GLU C 49 25.07 -22.43 -30.18
N VAL C 50 25.27 -21.43 -29.32
CA VAL C 50 24.18 -20.74 -28.67
C VAL C 50 24.14 -19.29 -29.09
N VAL C 51 22.98 -18.83 -29.55
CA VAL C 51 22.79 -17.43 -29.89
C VAL C 51 21.77 -16.79 -28.94
N ILE C 52 22.20 -15.74 -28.26
CA ILE C 52 21.34 -15.04 -27.32
C ILE C 52 21.05 -13.63 -27.80
N PHE C 53 19.78 -13.34 -28.05
CA PHE C 53 19.39 -11.99 -28.46
C PHE C 53 19.00 -11.14 -27.25
N GLY C 54 19.46 -9.90 -27.24
CA GLY C 54 19.16 -8.98 -26.16
C GLY C 54 20.35 -8.09 -25.86
N VAL C 55 20.16 -7.13 -24.96
CA VAL C 55 21.22 -6.19 -24.60
C VAL C 55 22.32 -6.83 -23.75
N TYR C 56 23.52 -6.26 -23.84
CA TYR C 56 24.69 -6.82 -23.17
C TYR C 56 24.53 -6.86 -21.66
N LEU C 57 24.02 -5.77 -21.09
CA LEU C 57 24.01 -5.62 -19.64
C LEU C 57 23.09 -6.59 -18.90
N TRP C 58 21.98 -6.95 -19.53
CA TRP C 58 21.04 -7.90 -18.90
C TRP C 58 21.24 -9.35 -19.35
N GLY C 59 21.96 -9.54 -20.46
CA GLY C 59 22.11 -10.87 -21.03
C GLY C 59 23.48 -11.49 -20.84
N ASN C 60 24.42 -10.73 -20.30
CA ASN C 60 25.79 -11.20 -20.13
C ASN C 60 25.89 -12.38 -19.16
N TYR C 61 25.15 -12.32 -18.06
CA TYR C 61 25.20 -13.37 -17.04
C TYR C 61 24.77 -14.72 -17.62
N THR C 62 23.67 -14.72 -18.36
CA THR C 62 23.18 -15.94 -18.99
C THR C 62 24.19 -16.47 -20.00
N ALA C 63 24.80 -15.57 -20.75
CA ALA C 63 25.80 -15.92 -21.75
C ALA C 63 27.02 -16.56 -21.10
N GLN C 64 27.47 -15.98 -19.98
CA GLN C 64 28.62 -16.50 -19.26
C GLN C 64 28.34 -17.89 -18.71
N LEU C 66 25.97 -20.11 -19.70
CA LEU C 66 25.67 -21.09 -20.74
C LEU C 66 26.92 -21.53 -21.50
N SER C 67 28.00 -20.76 -21.37
CA SER C 67 29.25 -21.07 -22.04
C SER C 67 29.86 -22.37 -21.52
N LYS C 68 29.47 -22.77 -20.31
CA LYS C 68 29.93 -24.03 -19.74
C LYS C 68 29.26 -25.22 -20.41
N TYR C 69 28.10 -24.98 -21.03
CA TYR C 69 27.36 -26.04 -21.71
C TYR C 69 27.40 -25.87 -23.22
N ALA C 70 28.34 -25.08 -23.72
CA ALA C 70 28.38 -24.79 -25.14
C ALA C 70 29.79 -24.67 -25.69
N ASP C 71 29.94 -25.03 -26.96
CA ASP C 71 31.22 -24.88 -27.65
C ASP C 71 31.43 -23.41 -27.99
N LYS C 72 30.35 -22.69 -28.28
CA LYS C 72 30.49 -21.28 -28.62
C LYS C 72 29.18 -20.55 -28.33
N VAL C 73 29.28 -19.37 -27.73
CA VAL C 73 28.10 -18.59 -27.37
C VAL C 73 28.13 -17.21 -28.01
N TYR C 74 27.04 -16.85 -28.70
CA TYR C 74 26.90 -15.53 -29.29
C TYR C 74 25.93 -14.66 -28.51
N LEU C 75 26.37 -13.47 -28.12
CA LEU C 75 25.49 -12.48 -27.52
C LEU C 75 25.23 -11.36 -28.51
N VAL C 76 24.03 -11.35 -29.06
CA VAL C 76 23.66 -10.38 -30.08
C VAL C 76 22.77 -9.28 -29.50
N ASP C 77 23.21 -8.04 -29.63
CA ASP C 77 22.43 -6.90 -29.17
C ASP C 77 21.88 -6.26 -30.44
N ILE C 78 20.71 -5.66 -30.33
CA ILE C 78 20.05 -5.08 -31.50
C ILE C 78 20.63 -3.72 -31.77
N HIS C 79 20.79 -2.86 -30.77
CA HIS C 79 21.74 -1.79 -31.06
C HIS C 79 23.09 -2.22 -30.50
N ILE C 92 33.68 -16.34 -26.00
CA ILE C 92 32.32 -16.00 -26.45
C ILE C 92 32.34 -14.63 -27.10
N LYS C 93 31.63 -14.49 -28.22
CA LYS C 93 31.63 -13.26 -29.00
C LYS C 93 30.38 -12.40 -28.88
N PHE C 94 30.63 -11.10 -28.80
CA PHE C 94 29.62 -10.07 -28.69
C PHE C 94 29.42 -9.44 -30.07
N LEU C 95 28.19 -9.42 -30.55
CA LEU C 95 27.89 -8.89 -31.88
C LEU C 95 26.68 -7.95 -31.86
N ASN C 96 26.67 -6.99 -32.78
CA ASN C 96 25.45 -6.22 -33.04
C ASN C 96 24.59 -7.05 -33.97
N LEU C 97 23.33 -6.67 -34.11
CA LEU C 97 22.42 -7.43 -34.96
C LEU C 97 22.93 -7.61 -36.39
N ASN C 98 23.50 -6.56 -36.98
CA ASN C 98 23.91 -6.59 -38.38
C ASN C 98 25.18 -7.41 -38.66
N GLU C 99 26.12 -7.41 -37.73
CA GLU C 99 27.28 -8.28 -37.84
C GLU C 99 26.83 -9.73 -37.74
N PHE C 100 25.85 -9.99 -36.89
CA PHE C 100 25.31 -11.33 -36.74
C PHE C 100 24.63 -11.79 -38.03
N LYS C 101 23.87 -10.89 -38.65
CA LYS C 101 23.18 -11.21 -39.89
C LYS C 101 24.18 -11.48 -41.02
N LEU C 102 25.23 -10.67 -41.09
CA LEU C 102 26.26 -10.85 -42.10
C LEU C 102 26.94 -12.21 -41.94
N LYS C 103 27.12 -12.64 -40.70
CA LYS C 103 27.71 -13.95 -40.41
C LYS C 103 26.78 -15.11 -40.80
N PHE C 104 25.48 -14.91 -40.63
CA PHE C 104 24.48 -15.93 -40.94
C PHE C 104 24.41 -16.13 -42.43
N ILE C 105 24.58 -15.05 -43.16
CA ILE C 105 24.58 -15.08 -44.61
C ILE C 105 25.78 -15.79 -45.21
N ARG C 106 26.95 -15.60 -44.60
CA ARG C 106 28.14 -16.30 -45.05
C ARG C 106 28.03 -17.77 -44.67
N GLY C 107 27.00 -18.10 -43.88
CA GLY C 107 26.75 -19.45 -43.46
C GLY C 107 27.71 -19.87 -42.37
N GLU C 108 28.17 -18.89 -41.60
CA GLU C 108 29.16 -19.12 -40.57
C GLU C 108 28.54 -19.46 -39.21
N VAL C 109 27.26 -19.12 -39.05
CA VAL C 109 26.56 -19.42 -37.79
C VAL C 109 25.25 -20.17 -38.01
N ASN C 110 25.03 -21.19 -37.18
CA ASN C 110 23.80 -21.97 -37.21
C ASN C 110 23.57 -22.64 -35.86
N PRO C 111 22.92 -21.92 -34.92
CA PRO C 111 22.79 -22.30 -33.50
C PRO C 111 21.87 -23.49 -33.23
N ASP C 112 22.25 -24.31 -32.24
CA ASP C 112 21.38 -25.37 -31.75
C ASP C 112 20.39 -24.81 -30.76
N LEU C 113 20.84 -23.78 -30.05
CA LEU C 113 20.06 -23.16 -28.99
C LEU C 113 19.92 -21.66 -29.22
N ILE C 114 18.68 -21.19 -29.16
CA ILE C 114 18.41 -19.76 -29.26
C ILE C 114 17.65 -19.26 -28.04
N VAL C 115 18.20 -18.23 -27.40
CA VAL C 115 17.55 -17.61 -26.26
C VAL C 115 17.21 -16.16 -26.60
N ASP C 116 15.91 -15.85 -26.69
CA ASP C 116 15.48 -14.50 -27.03
C ASP C 116 15.07 -13.71 -25.78
N LEU C 117 15.93 -12.76 -25.40
CA LEU C 117 15.69 -11.95 -24.21
C LEU C 117 15.43 -10.50 -24.56
N THR C 118 14.99 -10.26 -25.79
CA THR C 118 14.80 -8.90 -26.26
C THR C 118 13.55 -8.25 -25.68
N GLY C 119 12.48 -9.05 -25.54
CA GLY C 119 11.24 -8.56 -24.95
C GLY C 119 10.47 -7.63 -25.86
N LEU C 120 9.86 -6.60 -25.27
CA LEU C 120 8.99 -5.68 -26.02
C LEU C 120 9.71 -4.95 -27.14
N GLY C 121 9.16 -5.04 -28.34
CA GLY C 121 9.73 -4.37 -29.50
C GLY C 121 11.09 -4.93 -29.84
N GLY C 122 11.27 -6.23 -29.59
CA GLY C 122 12.53 -6.88 -29.79
C GLY C 122 12.70 -7.50 -31.17
N ILE C 123 13.26 -8.70 -31.20
CA ILE C 123 13.55 -9.38 -32.46
C ILE C 123 12.26 -9.76 -33.19
N GLU C 124 12.28 -9.59 -34.51
CA GLU C 124 11.12 -9.89 -35.34
C GLU C 124 10.97 -11.38 -35.57
N PRO C 125 9.73 -11.88 -35.52
CA PRO C 125 9.42 -13.28 -35.77
C PRO C 125 9.83 -13.72 -37.18
N GLU C 126 9.92 -12.79 -38.12
CA GLU C 126 10.25 -13.14 -39.50
C GLU C 126 11.73 -13.47 -39.63
N PHE C 127 12.53 -12.86 -38.77
CA PHE C 127 13.96 -13.12 -38.74
C PHE C 127 14.25 -14.43 -38.01
N LEU C 128 13.46 -14.69 -36.97
CA LEU C 128 13.59 -15.92 -36.21
C LEU C 128 13.23 -17.14 -37.05
N ALA C 129 12.27 -16.95 -37.96
CA ALA C 129 11.78 -18.04 -38.80
C ALA C 129 12.85 -18.58 -39.74
N LYS C 130 13.89 -17.78 -39.97
CA LYS C 130 14.99 -18.20 -40.84
C LYS C 130 15.87 -19.25 -40.15
N PHE C 131 15.80 -19.29 -38.83
CA PHE C 131 16.65 -20.19 -38.05
C PHE C 131 15.97 -21.51 -37.75
N ASN C 132 16.76 -22.53 -37.46
CA ASN C 132 16.22 -23.86 -37.19
C ASN C 132 16.96 -24.59 -36.05
N PRO C 133 16.83 -24.11 -34.80
CA PRO C 133 17.52 -24.69 -33.64
C PRO C 133 16.84 -25.93 -33.07
N LYS C 134 17.54 -26.63 -32.18
CA LYS C 134 16.96 -27.76 -31.46
C LYS C 134 16.10 -27.28 -30.28
N VAL C 135 16.56 -26.22 -29.62
CA VAL C 135 15.85 -25.66 -28.48
C VAL C 135 15.71 -24.16 -28.67
N PHE C 136 14.49 -23.65 -28.48
CA PHE C 136 14.25 -22.21 -28.57
C PHE C 136 13.60 -21.70 -27.30
N ILE C 137 14.22 -20.68 -26.70
CA ILE C 137 13.68 -20.07 -25.50
C ILE C 137 13.46 -18.57 -25.70
N VAL C 138 12.25 -18.11 -25.39
CA VAL C 138 11.93 -16.70 -25.49
C VAL C 138 11.43 -16.20 -24.14
N GLU C 139 11.86 -15.00 -23.77
CA GLU C 139 11.43 -14.40 -22.51
C GLU C 139 10.12 -13.65 -22.66
N ASP C 140 9.14 -14.03 -21.84
CA ASP C 140 7.88 -13.32 -21.73
C ASP C 140 8.10 -12.00 -20.99
N PRO C 141 7.90 -10.86 -21.69
CA PRO C 141 8.11 -9.56 -21.06
C PRO C 141 6.98 -9.17 -20.11
N LYS C 142 5.81 -9.76 -20.30
CA LYS C 142 4.63 -9.39 -19.53
C LYS C 142 4.80 -9.69 -18.03
N GLY C 143 4.34 -8.76 -17.20
CA GLY C 143 4.29 -8.98 -15.77
C GLY C 143 2.84 -9.03 -15.33
N VAL C 144 2.48 -8.14 -14.42
CA VAL C 144 1.08 -7.99 -14.03
C VAL C 144 0.31 -7.46 -15.24
N PHE C 145 -0.97 -7.77 -15.34
CA PHE C 145 -1.74 -7.41 -16.54
C PHE C 145 -1.77 -5.90 -16.79
N ASP C 146 -1.48 -5.54 -18.04
CA ASP C 146 -1.56 -4.17 -18.52
C ASP C 146 -2.09 -4.23 -19.95
N VAL C 147 -3.22 -3.56 -20.20
CA VAL C 147 -3.90 -3.68 -21.49
C VAL C 147 -2.98 -3.31 -22.67
N ASP C 148 -2.15 -2.28 -22.50
CA ASP C 148 -1.28 -1.84 -23.59
C ASP C 148 -0.05 -2.74 -23.75
N ILE C 149 0.56 -3.15 -22.64
CA ILE C 149 1.71 -4.04 -22.68
C ILE C 149 1.28 -5.41 -23.22
N TYR C 150 0.10 -5.87 -22.81
CA TYR C 150 -0.44 -7.14 -23.27
C TYR C 150 -0.59 -7.15 -24.79
N GLU C 151 -1.08 -6.05 -25.34
CA GLU C 151 -1.30 -5.95 -26.78
C GLU C 151 0.02 -5.80 -27.55
N ALA C 152 0.99 -5.12 -26.95
CA ALA C 152 2.28 -4.89 -27.61
C ALA C 152 3.12 -6.16 -27.63
N ASP C 153 2.76 -7.12 -26.78
CA ASP C 153 3.47 -8.39 -26.70
C ASP C 153 3.16 -9.31 -27.87
N ASN C 154 4.20 -9.93 -28.43
CA ASN C 154 4.03 -10.91 -29.49
C ASN C 154 4.91 -12.14 -29.24
N THR C 155 5.07 -12.48 -27.96
CA THR C 155 5.90 -13.60 -27.54
C THR C 155 5.55 -14.91 -28.24
N TYR C 156 4.26 -15.22 -28.31
CA TYR C 156 3.82 -16.49 -28.85
C TYR C 156 3.75 -16.50 -30.37
N LYS C 157 3.93 -15.33 -30.97
CA LYS C 157 4.12 -15.25 -32.42
C LYS C 157 5.57 -15.56 -32.76
N ARG C 158 6.44 -15.44 -31.77
CA ARG C 158 7.85 -15.77 -31.95
C ARG C 158 8.08 -17.27 -31.76
N THR C 159 7.20 -17.91 -30.99
CA THR C 159 7.32 -19.35 -30.74
C THR C 159 6.67 -20.17 -31.85
N ALA C 160 5.71 -19.55 -32.53
CA ALA C 160 4.93 -20.22 -33.58
C ALA C 160 5.77 -20.95 -34.63
N PRO C 161 6.86 -20.33 -35.13
CA PRO C 161 7.59 -21.07 -36.16
C PRO C 161 8.44 -22.23 -35.62
N PHE C 162 8.50 -22.42 -34.31
CA PHE C 162 9.34 -23.48 -33.75
C PHE C 162 8.55 -24.55 -33.01
N ILE C 163 7.27 -24.30 -32.77
CA ILE C 163 6.46 -25.19 -31.94
C ILE C 163 6.37 -26.60 -32.57
N GLU C 164 6.55 -26.67 -33.87
CA GLU C 164 6.54 -27.96 -34.55
C GLU C 164 7.91 -28.62 -34.63
N LYS C 165 8.97 -27.83 -34.69
CA LYS C 165 10.28 -28.39 -35.00
C LYS C 165 11.25 -28.46 -33.84
N ALA C 166 10.86 -27.99 -32.66
CA ALA C 166 11.82 -27.93 -31.58
C ALA C 166 11.22 -27.89 -30.18
N LYS C 167 12.10 -28.02 -29.20
CA LYS C 167 11.76 -27.87 -27.80
C LYS C 167 11.64 -26.39 -27.48
N VAL C 168 10.42 -25.94 -27.22
CA VAL C 168 10.16 -24.52 -27.02
C VAL C 168 9.78 -24.21 -25.58
N GLY C 169 10.42 -23.19 -25.01
CA GLY C 169 10.11 -22.74 -23.66
C GLY C 169 9.95 -21.24 -23.58
N VAL C 170 9.05 -20.79 -22.71
CA VAL C 170 8.81 -19.36 -22.51
C VAL C 170 9.22 -18.96 -21.10
N LEU C 171 10.25 -18.13 -21.01
CA LEU C 171 10.76 -17.70 -19.71
C LEU C 171 9.87 -16.64 -19.07
N LYS C 172 9.29 -16.98 -17.91
CA LYS C 172 8.41 -16.08 -17.20
C LYS C 172 8.99 -15.74 -15.82
N THR C 173 8.88 -14.47 -15.42
CA THR C 173 9.37 -14.04 -14.12
C THR C 173 8.41 -13.02 -13.49
N TYR C 174 7.89 -13.36 -12.31
CA TYR C 174 6.94 -12.51 -11.63
C TYR C 174 7.32 -12.28 -10.17
N ARG C 175 6.80 -11.20 -9.60
CA ARG C 175 6.90 -11.00 -8.15
C ARG C 175 5.64 -11.55 -7.51
N LYS C 176 5.81 -12.51 -6.60
CA LYS C 176 4.68 -13.19 -5.97
C LYS C 176 3.83 -12.20 -5.16
N ALA C 177 2.56 -12.08 -5.56
CA ALA C 177 1.59 -11.21 -4.89
C ALA C 177 2.05 -9.76 -4.85
N ARG C 178 2.73 -9.32 -5.90
CA ARG C 178 3.14 -7.92 -6.04
C ARG C 178 2.85 -7.42 -7.44
N VAL C 179 2.93 -6.11 -7.63
CA VAL C 179 2.70 -5.52 -8.94
C VAL C 179 4.01 -5.14 -9.64
N SER C 180 4.23 -5.74 -10.80
CA SER C 180 5.31 -5.33 -11.69
C SER C 180 4.78 -5.37 -13.11
N LYS C 181 4.99 -4.29 -13.86
CA LYS C 181 4.40 -4.15 -15.17
C LYS C 181 5.08 -5.05 -16.19
N THR C 182 6.37 -5.31 -16.00
CA THR C 182 7.09 -6.23 -16.88
C THR C 182 7.90 -7.25 -16.09
N SER C 183 8.61 -8.11 -16.81
CA SER C 183 9.48 -9.11 -16.21
C SER C 183 10.94 -8.72 -16.41
N GLY C 184 11.16 -7.51 -16.92
CA GLY C 184 12.49 -7.02 -17.18
C GLY C 184 13.31 -6.94 -15.91
N THR C 185 14.59 -7.27 -16.02
CA THR C 185 15.51 -7.27 -14.88
C THR C 185 15.62 -5.86 -14.29
N THR C 187 13.14 -3.58 -14.41
CA THR C 187 11.87 -3.34 -13.73
C THR C 187 11.84 -3.98 -12.35
N LEU C 188 12.23 -5.25 -12.29
CA LEU C 188 12.24 -5.98 -11.03
C LEU C 188 13.20 -5.35 -10.04
N THR C 189 14.35 -4.90 -10.53
CA THR C 189 15.35 -4.26 -9.70
C THR C 189 14.78 -3.00 -9.04
N ILE C 190 14.16 -2.16 -9.86
CA ILE C 190 13.56 -0.91 -9.40
C ILE C 190 12.46 -1.15 -8.37
N ASP C 191 11.51 -2.02 -8.72
CA ASP C 191 10.37 -2.29 -7.85
C ASP C 191 10.81 -2.94 -6.53
N THR C 192 11.85 -3.76 -6.58
CA THR C 192 12.39 -4.39 -5.38
C THR C 192 12.98 -3.37 -4.41
N ILE C 193 13.85 -2.50 -4.94
CA ILE C 193 14.56 -1.53 -4.11
C ILE C 193 13.62 -0.45 -3.58
N VAL C 194 12.66 -0.03 -4.39
CA VAL C 194 11.68 0.97 -3.96
C VAL C 194 10.78 0.41 -2.85
N ASP C 195 10.27 -0.81 -3.04
CA ASP C 195 9.45 -1.44 -2.03
C ASP C 195 10.21 -1.65 -0.73
N ALA C 196 11.47 -2.03 -0.85
CA ALA C 196 12.31 -2.28 0.32
C ALA C 196 12.54 -1.00 1.11
N SER C 197 12.73 0.11 0.40
CA SER C 197 12.96 1.39 1.07
C SER C 197 11.73 1.85 1.85
N ARG C 198 10.55 1.46 1.37
CA ARG C 198 9.31 1.83 2.05
C ARG C 198 9.07 0.97 3.29
N GLU C 199 9.43 -0.31 3.21
CA GLU C 199 9.32 -1.19 4.37
C GLU C 199 10.33 -0.79 5.44
N ILE C 200 11.53 -0.42 4.98
CA ILE C 200 12.59 0.05 5.88
C ILE C 200 12.16 1.34 6.58
N THR C 201 11.47 2.20 5.84
CA THR C 201 10.95 3.46 6.37
C THR C 201 10.02 3.24 7.57
N SER C 202 9.26 2.16 7.55
CA SER C 202 8.30 1.87 8.61
C SER C 202 8.94 1.33 9.89
N LEU C 203 10.24 1.06 9.86
CA LEU C 203 10.97 0.56 11.03
C LEU C 203 11.10 1.64 12.11
N ASP C 204 11.29 1.20 13.35
CA ASP C 204 11.41 2.11 14.48
C ASP C 204 12.63 3.02 14.35
N GLY C 205 12.42 4.32 14.47
CA GLY C 205 13.51 5.27 14.47
C GLY C 205 13.98 5.74 13.10
N VAL C 206 13.49 5.10 12.05
CA VAL C 206 13.90 5.48 10.69
C VAL C 206 13.17 6.74 10.22
N LEU C 207 13.93 7.71 9.73
CA LEU C 207 13.39 8.97 9.25
C LEU C 207 12.99 8.86 7.78
N TYR C 208 13.91 8.39 6.95
CA TYR C 208 13.60 8.09 5.56
C TYR C 208 14.56 7.06 4.98
N ALA C 209 14.22 6.56 3.79
CA ALA C 209 15.07 5.62 3.08
C ALA C 209 15.09 5.97 1.61
N ILE C 210 16.28 6.31 1.09
CA ILE C 210 16.42 6.72 -0.30
C ILE C 210 16.73 5.54 -1.22
N PRO C 211 15.86 5.29 -2.20
CA PRO C 211 16.19 4.31 -3.24
C PRO C 211 17.17 4.90 -4.24
N ASN C 212 18.39 4.37 -4.29
CA ASN C 212 19.43 4.90 -5.18
C ASN C 212 19.38 4.28 -6.57
N LEU C 213 18.59 4.88 -7.45
CA LEU C 213 18.38 4.33 -8.79
C LEU C 213 18.61 5.37 -9.90
N ARG C 214 19.01 4.88 -11.07
CA ARG C 214 19.23 5.70 -12.25
C ARG C 214 18.86 4.92 -13.51
N TYR C 215 18.43 5.63 -14.55
CA TYR C 215 18.28 5.02 -15.87
C TYR C 215 19.67 4.72 -16.42
N TYR C 216 20.20 3.54 -16.11
CA TYR C 216 21.58 3.20 -16.39
C TYR C 216 21.89 3.07 -17.87
N GLU C 217 20.96 2.51 -18.64
CA GLU C 217 21.15 2.33 -20.08
C GLU C 217 21.28 3.67 -20.79
N GLY C 218 20.71 4.71 -20.20
CA GLY C 218 20.83 6.06 -20.72
C GLY C 218 22.23 6.61 -20.50
N ILE C 219 22.82 6.24 -19.37
CA ILE C 219 24.18 6.66 -19.04
C ILE C 219 25.20 6.04 -19.99
N LEU C 220 24.92 4.80 -20.40
CA LEU C 220 25.88 4.00 -21.16
C LEU C 220 25.84 4.24 -22.67
N PHE C 221 24.64 4.43 -23.20
CA PHE C 221 24.46 4.42 -24.65
C PHE C 221 24.21 5.81 -25.23
N HIS C 222 23.69 6.73 -24.42
CA HIS C 222 23.48 8.10 -24.88
C HIS C 222 24.68 8.96 -24.57
N GLU C 223 25.19 8.80 -23.35
CA GLU C 223 26.28 9.62 -22.85
C GLU C 223 27.63 8.93 -22.96
N ASN C 224 27.59 7.63 -23.25
CA ASN C 224 28.79 6.80 -23.37
C ASN C 224 29.76 6.96 -22.20
N ASP C 225 29.21 7.11 -21.01
CA ASP C 225 30.02 7.33 -19.81
C ASP C 225 30.13 6.05 -19.01
N ILE C 226 31.14 5.23 -19.32
CA ILE C 226 31.33 3.95 -18.66
C ILE C 226 31.63 4.14 -17.16
N HIS C 227 32.36 5.20 -16.82
CA HIS C 227 32.72 5.45 -15.43
C HIS C 227 31.52 5.86 -14.58
N LYS C 228 30.66 6.70 -15.13
CA LYS C 228 29.48 7.14 -14.39
C LYS C 228 28.51 5.99 -14.28
N PHE C 229 28.45 5.14 -15.31
CA PHE C 229 27.61 3.95 -15.27
C PHE C 229 28.05 3.00 -14.17
N LEU C 230 29.35 2.72 -14.10
CA LEU C 230 29.90 1.81 -13.12
C LEU C 230 29.74 2.34 -11.69
N SER C 231 29.89 3.65 -11.53
CA SER C 231 29.75 4.26 -10.21
C SER C 231 28.30 4.25 -9.75
N GLU C 232 27.39 4.56 -10.65
CA GLU C 232 25.98 4.67 -10.31
C GLU C 232 25.31 3.31 -10.04
N ILE C 233 25.72 2.29 -10.78
CA ILE C 233 25.11 0.97 -10.61
C ILE C 233 25.74 0.25 -9.40
N SER C 234 26.90 0.73 -8.98
CA SER C 234 27.57 0.18 -7.81
C SER C 234 27.14 0.87 -6.52
N GLN C 235 26.22 1.81 -6.66
CA GLN C 235 25.68 2.55 -5.51
C GLN C 235 25.00 1.60 -4.52
N PRO C 236 25.11 1.91 -3.23
CA PRO C 236 24.29 1.19 -2.24
C PRO C 236 22.82 1.27 -2.64
N ALA C 237 22.11 0.16 -2.58
CA ALA C 237 20.72 0.11 -3.02
C ALA C 237 19.85 1.15 -2.32
N ILE C 238 20.05 1.30 -1.01
CA ILE C 238 19.24 2.19 -0.20
C ILE C 238 20.07 2.96 0.82
N THR C 239 19.86 4.27 0.88
CA THR C 239 20.51 5.11 1.89
C THR C 239 19.49 5.50 2.96
N ILE C 240 19.80 5.17 4.20
CA ILE C 240 18.83 5.31 5.29
C ILE C 240 19.18 6.41 6.27
N SER C 241 18.24 7.31 6.52
CA SER C 241 18.36 8.28 7.58
C SER C 241 17.63 7.74 8.81
N THR C 242 18.37 7.52 9.89
CA THR C 242 17.82 6.76 11.01
C THR C 242 18.43 7.12 12.36
N LEU C 243 17.66 6.89 13.43
CA LEU C 243 18.13 7.11 14.79
C LEU C 243 18.79 5.84 15.35
N ASN C 244 18.45 4.70 14.76
CA ASN C 244 18.97 3.42 15.24
C ASN C 244 19.74 2.69 14.15
N ASP C 245 20.63 1.80 14.54
CA ASP C 245 21.32 0.96 13.58
C ASP C 245 20.38 -0.12 13.07
N VAL C 246 19.90 0.05 11.85
CA VAL C 246 18.91 -0.85 11.27
C VAL C 246 19.49 -1.57 10.06
N LEU C 247 20.83 -1.64 10.00
CA LEU C 247 21.52 -2.21 8.84
C LEU C 247 21.15 -3.66 8.56
N ASP C 248 21.22 -4.52 9.58
CA ASP C 248 20.90 -5.94 9.41
C ASP C 248 19.45 -6.13 8.98
N GLU C 249 18.59 -5.32 9.59
CA GLU C 249 17.16 -5.38 9.34
C GLU C 249 16.84 -4.93 7.93
N ALA C 250 17.56 -3.90 7.48
CA ALA C 250 17.42 -3.36 6.13
C ALA C 250 17.87 -4.38 5.09
N GLU C 251 18.95 -5.08 5.39
CA GLU C 251 19.44 -6.14 4.50
C GLU C 251 18.45 -7.27 4.44
N GLU C 252 17.88 -7.63 5.59
CA GLU C 252 16.88 -8.68 5.65
C GLU C 252 15.66 -8.31 4.83
N ILE C 253 15.18 -7.07 4.98
CA ILE C 253 14.06 -6.58 4.19
C ILE C 253 14.35 -6.61 2.68
N LEU C 254 15.53 -6.14 2.31
CA LEU C 254 15.95 -6.14 0.91
C LEU C 254 16.00 -7.57 0.37
N SER C 255 16.50 -8.49 1.19
CA SER C 255 16.57 -9.89 0.80
C SER C 255 15.20 -10.53 0.63
N ASN C 256 14.26 -10.17 1.50
CA ASN C 256 12.92 -10.73 1.45
C ASN C 256 12.19 -10.34 0.17
N ASN C 257 12.35 -9.09 -0.25
CA ASN C 257 11.68 -8.63 -1.47
C ASN C 257 12.31 -9.26 -2.71
N ILE C 258 13.59 -9.62 -2.64
CA ILE C 258 14.24 -10.32 -3.73
C ILE C 258 13.70 -11.74 -3.81
N ASN C 259 13.49 -12.36 -2.65
CA ASN C 259 12.99 -13.74 -2.59
C ASN C 259 11.55 -13.87 -3.08
N LEU C 260 10.84 -12.76 -3.16
CA LEU C 260 9.50 -12.74 -3.72
C LEU C 260 9.52 -13.00 -5.22
N ILE C 261 10.67 -12.74 -5.85
CA ILE C 261 10.81 -12.90 -7.29
C ILE C 261 10.92 -14.36 -7.68
N TYR C 262 9.99 -14.81 -8.52
CA TYR C 262 9.93 -16.20 -8.95
C TYR C 262 10.06 -16.31 -10.45
N SER C 263 10.96 -17.19 -10.90
CA SER C 263 11.23 -17.32 -12.32
C SER C 263 11.15 -18.79 -12.74
N PHE C 264 10.58 -19.03 -13.92
CA PHE C 264 10.44 -20.38 -14.45
C PHE C 264 10.26 -20.38 -15.96
N VAL C 265 10.56 -21.52 -16.58
CA VAL C 265 10.36 -21.67 -18.02
C VAL C 265 9.17 -22.58 -18.30
N GLU C 266 8.18 -22.03 -18.99
CA GLU C 266 6.99 -22.79 -19.37
C GLU C 266 7.21 -23.50 -20.70
N GLU C 267 7.15 -24.83 -20.68
CA GLU C 267 7.35 -25.63 -21.89
C GLU C 267 6.08 -25.70 -22.72
N LEU C 268 6.18 -25.37 -24.00
CA LEU C 268 5.05 -25.41 -24.92
C LEU C 268 4.99 -26.72 -25.70
N VAL D 14 9.28 1.25 -27.04
CA VAL D 14 9.39 1.62 -25.64
C VAL D 14 10.05 2.99 -25.50
N LYS D 15 9.38 3.93 -24.84
CA LYS D 15 9.91 5.27 -24.68
C LYS D 15 10.47 5.49 -23.28
N THR D 16 11.42 6.41 -23.20
CA THR D 16 11.95 6.86 -21.92
C THR D 16 11.62 8.33 -21.75
N ILE D 17 10.86 8.65 -20.71
CA ILE D 17 10.38 10.01 -20.51
C ILE D 17 10.76 10.58 -19.16
N ASP D 18 11.41 11.74 -19.17
CA ASP D 18 11.71 12.47 -17.93
C ASP D 18 10.61 13.48 -17.63
N THR D 19 10.28 13.63 -16.35
CA THR D 19 9.37 14.67 -15.94
C THR D 19 10.08 16.03 -16.03
N LYS D 20 9.32 17.08 -16.30
CA LYS D 20 9.88 18.44 -16.32
C LYS D 20 10.14 18.91 -14.89
N THR D 21 9.32 18.45 -13.96
CA THR D 21 9.51 18.76 -12.54
C THR D 21 10.79 18.10 -12.03
N ARG D 22 11.68 18.91 -11.46
CA ARG D 22 12.91 18.40 -10.89
C ARG D 22 12.75 18.20 -9.39
N VAL D 23 13.77 17.67 -8.74
CA VAL D 23 13.72 17.49 -7.29
C VAL D 23 13.71 18.84 -6.59
N VAL D 24 14.48 19.80 -7.12
CA VAL D 24 14.51 21.15 -6.54
C VAL D 24 13.14 21.79 -6.58
N ASP D 25 12.37 21.50 -7.64
CA ASP D 25 11.04 22.07 -7.79
C ASP D 25 10.11 21.55 -6.69
N VAL D 26 10.24 20.26 -6.37
CA VAL D 26 9.49 19.68 -5.27
C VAL D 26 10.00 20.27 -3.96
N THR D 27 11.31 20.40 -3.86
CA THR D 27 11.95 20.95 -2.68
C THR D 27 11.51 22.39 -2.45
N ASN D 28 11.41 23.15 -3.52
CA ASN D 28 10.96 24.54 -3.45
C ASN D 28 9.49 24.64 -3.05
N GLU D 29 8.65 23.74 -3.56
CA GLU D 29 7.23 23.75 -3.25
C GLU D 29 6.96 23.46 -1.78
N ILE D 30 7.68 22.47 -1.23
CA ILE D 30 7.53 22.13 0.18
C ILE D 30 8.07 23.26 1.06
N ALA D 31 9.21 23.82 0.67
CA ALA D 31 9.80 24.93 1.40
C ALA D 31 8.86 26.13 1.36
N LYS D 32 8.21 26.32 0.22
CA LYS D 32 7.24 27.39 0.04
C LYS D 32 6.04 27.21 0.97
N LYS D 33 5.55 25.98 1.10
CA LYS D 33 4.42 25.71 1.98
C LYS D 33 4.73 25.98 3.45
N LYS D 34 5.94 25.65 3.88
CA LYS D 34 6.34 25.87 5.26
C LYS D 34 6.50 27.35 5.59
N TYR D 35 7.01 28.13 4.65
CA TYR D 35 7.17 29.56 4.88
C TYR D 35 5.82 30.24 4.99
N GLN D 36 4.88 29.83 4.15
CA GLN D 36 3.54 30.42 4.16
C GLN D 36 2.90 30.24 5.52
N ALA D 37 3.19 29.11 6.15
CA ALA D 37 2.73 28.84 7.51
C ALA D 37 3.33 29.82 8.51
N ILE D 38 4.63 30.05 8.39
CA ILE D 38 5.33 30.98 9.26
C ILE D 38 4.84 32.41 9.05
N ARG D 39 4.67 32.78 7.79
CA ARG D 39 4.22 34.13 7.44
C ARG D 39 2.82 34.41 7.97
N ASP D 40 1.94 33.42 7.86
CA ASP D 40 0.58 33.54 8.38
C ASP D 40 0.60 33.74 9.89
N PHE D 41 1.52 33.04 10.56
CA PHE D 41 1.64 33.12 12.01
C PHE D 41 2.22 34.45 12.47
N LEU D 42 3.07 35.05 11.64
CA LEU D 42 3.74 36.31 11.95
C LEU D 42 2.89 37.50 11.57
N GLU D 43 1.77 37.20 10.90
CA GLU D 43 0.84 38.16 10.32
C GLU D 43 1.34 39.61 10.19
N GLY D 44 2.23 39.82 9.22
CA GLY D 44 2.69 41.14 8.87
C GLY D 44 3.53 41.87 9.89
N GLU D 45 4.15 41.16 10.82
CA GLU D 45 4.94 41.83 11.84
C GLU D 45 6.39 42.00 11.39
N GLU D 46 6.99 43.13 11.74
CA GLU D 46 8.34 43.42 11.32
C GLU D 46 9.28 43.37 12.52
N PHE D 47 10.51 42.93 12.27
CA PHE D 47 11.49 42.71 13.33
C PHE D 47 12.79 43.42 12.99
N LYS D 48 13.63 43.61 14.01
CA LYS D 48 14.92 44.23 13.81
C LYS D 48 15.98 43.20 13.49
N GLU D 49 15.89 42.06 14.15
CA GLU D 49 16.90 41.01 13.98
C GLU D 49 16.28 39.62 14.07
N VAL D 50 16.49 38.83 13.02
CA VAL D 50 15.95 37.48 12.96
C VAL D 50 17.06 36.45 12.89
N VAL D 51 17.02 35.46 13.78
CA VAL D 51 17.99 34.37 13.75
C VAL D 51 17.29 33.05 13.44
N ILE D 52 17.75 32.40 12.37
CA ILE D 52 17.16 31.15 11.92
C ILE D 52 18.16 30.00 12.06
N PHE D 53 17.82 29.02 12.88
CA PHE D 53 18.66 27.84 13.08
C PHE D 53 18.22 26.73 12.14
N GLY D 54 19.18 26.03 11.53
CA GLY D 54 18.88 24.97 10.58
C GLY D 54 19.89 24.90 9.44
N VAL D 55 19.71 23.93 8.55
CA VAL D 55 20.60 23.72 7.41
C VAL D 55 20.46 24.85 6.41
N TYR D 56 21.54 25.22 5.72
CA TYR D 56 21.45 26.38 4.85
C TYR D 56 20.46 26.16 3.70
N LEU D 57 20.60 25.01 3.05
CA LEU D 57 19.87 24.76 1.81
C LEU D 57 18.37 24.55 2.08
N TRP D 58 18.02 24.09 3.27
CA TRP D 58 16.61 23.91 3.63
C TRP D 58 16.01 25.15 4.29
N GLY D 59 16.86 26.03 4.80
CA GLY D 59 16.39 27.20 5.53
C GLY D 59 16.56 28.53 4.82
N ASN D 60 17.23 28.50 3.67
CA ASN D 60 17.54 29.73 2.94
C ASN D 60 16.30 30.46 2.43
N TYR D 61 15.33 29.70 1.91
CA TYR D 61 14.12 30.30 1.37
C TYR D 61 13.37 31.09 2.44
N THR D 62 13.23 30.51 3.63
CA THR D 62 12.60 31.20 4.75
C THR D 62 13.40 32.45 5.10
N ALA D 63 14.71 32.32 5.07
CA ALA D 63 15.60 33.44 5.36
C ALA D 63 15.44 34.55 4.33
N GLN D 64 15.36 34.17 3.06
CA GLN D 64 15.20 35.14 1.98
C GLN D 64 13.88 35.89 2.08
N LEU D 66 11.86 36.21 4.80
CA LEU D 66 11.71 36.96 6.05
C LEU D 66 12.49 38.27 6.05
N SER D 67 13.43 38.40 5.12
CA SER D 67 14.24 39.62 5.03
C SER D 67 13.37 40.82 4.65
N LYS D 68 12.20 40.54 4.08
CA LYS D 68 11.26 41.59 3.71
C LYS D 68 10.61 42.20 4.95
N TYR D 69 10.58 41.44 6.04
CA TYR D 69 9.98 41.92 7.27
C TYR D 69 11.03 42.16 8.35
N ALA D 70 12.30 42.27 7.94
CA ALA D 70 13.37 42.39 8.91
C ALA D 70 14.49 43.30 8.43
N ASP D 71 15.11 43.98 9.39
CA ASP D 71 16.25 44.84 9.11
C ASP D 71 17.46 43.98 8.85
N LYS D 72 17.47 42.85 9.54
CA LYS D 72 18.60 41.94 9.49
C LYS D 72 18.27 40.48 9.82
N VAL D 73 18.77 39.56 9.00
CA VAL D 73 18.49 38.13 9.16
C VAL D 73 19.77 37.28 9.23
N TYR D 74 19.85 36.44 10.25
CA TYR D 74 20.94 35.47 10.39
C TYR D 74 20.50 34.06 10.06
N LEU D 75 21.24 33.41 9.18
CA LEU D 75 21.04 31.97 8.97
C LEU D 75 22.18 31.19 9.62
N VAL D 76 21.87 30.56 10.73
CA VAL D 76 22.86 29.80 11.49
C VAL D 76 22.65 28.31 11.30
N ASP D 77 23.67 27.64 10.79
CA ASP D 77 23.64 26.19 10.68
C ASP D 77 24.56 25.63 11.75
N ILE D 78 24.10 24.56 12.38
CA ILE D 78 24.81 23.94 13.49
C ILE D 78 25.87 22.97 12.96
N HIS D 79 26.40 23.34 11.79
CA HIS D 79 27.56 22.72 11.14
C HIS D 79 27.84 23.44 9.82
N ILE D 92 21.07 39.44 4.39
CA ILE D 92 21.11 38.12 5.03
C ILE D 92 22.55 37.66 5.23
N LYS D 93 22.84 37.23 6.45
CA LYS D 93 24.18 36.81 6.83
C LYS D 93 24.28 35.33 7.28
N PHE D 94 25.30 34.63 6.77
CA PHE D 94 25.50 33.21 7.04
C PHE D 94 26.61 32.99 8.06
N LEU D 95 26.30 32.27 9.13
CA LEU D 95 27.27 31.99 10.19
C LEU D 95 27.21 30.51 10.58
N ASN D 96 28.33 29.96 11.04
CA ASN D 96 28.25 28.67 11.70
C ASN D 96 27.89 28.92 13.16
N LEU D 97 27.48 27.88 13.87
CA LEU D 97 27.02 28.03 15.25
C LEU D 97 28.03 28.76 16.12
N ASN D 98 29.31 28.42 15.96
CA ASN D 98 30.36 28.95 16.80
C ASN D 98 30.66 30.43 16.56
N GLU D 99 30.53 30.88 15.31
CA GLU D 99 30.64 32.32 15.04
C GLU D 99 29.47 33.07 15.67
N PHE D 100 28.29 32.46 15.61
CA PHE D 100 27.10 33.05 16.20
C PHE D 100 27.18 33.15 17.72
N LYS D 101 27.65 32.09 18.35
CA LYS D 101 27.77 32.05 19.81
C LYS D 101 28.81 33.03 20.34
N LEU D 102 29.94 33.11 19.65
CA LEU D 102 30.98 34.07 19.98
C LEU D 102 30.46 35.48 19.76
N LYS D 103 29.64 35.64 18.73
CA LYS D 103 29.04 36.93 18.40
C LYS D 103 28.05 37.30 19.50
N PHE D 104 27.39 36.29 20.07
CA PHE D 104 26.42 36.50 21.14
C PHE D 104 27.11 36.87 22.45
N ILE D 105 28.26 36.26 22.71
CA ILE D 105 29.04 36.56 23.90
C ILE D 105 29.58 37.99 23.78
N ARG D 106 29.92 38.39 22.56
CA ARG D 106 30.35 39.76 22.30
C ARG D 106 29.16 40.74 22.42
N GLY D 107 27.96 40.19 22.49
CA GLY D 107 26.76 40.99 22.64
C GLY D 107 26.34 41.73 21.39
N GLU D 108 26.70 41.17 20.23
CA GLU D 108 26.38 41.78 18.95
C GLU D 108 25.07 41.30 18.37
N VAL D 109 24.57 40.17 18.87
CA VAL D 109 23.33 39.62 18.34
C VAL D 109 22.31 39.46 19.45
N ASN D 110 21.09 39.90 19.15
CA ASN D 110 19.98 39.78 20.09
C ASN D 110 18.66 39.81 19.33
N PRO D 111 18.23 38.66 18.81
CA PRO D 111 17.07 38.58 17.92
C PRO D 111 15.72 38.80 18.59
N ASP D 112 14.82 39.49 17.89
CA ASP D 112 13.43 39.62 18.33
C ASP D 112 12.66 38.38 17.91
N LEU D 113 13.10 37.78 16.81
CA LEU D 113 12.46 36.60 16.24
C LEU D 113 13.46 35.46 16.10
N ILE D 114 13.11 34.32 16.67
CA ILE D 114 13.93 33.12 16.54
C ILE D 114 13.13 31.99 15.89
N VAL D 115 13.68 31.45 14.81
CA VAL D 115 13.06 30.32 14.12
C VAL D 115 13.98 29.12 14.18
N ASP D 116 13.55 28.09 14.90
CA ASP D 116 14.34 26.87 15.06
C ASP D 116 13.85 25.78 14.10
N LEU D 117 14.63 25.52 13.06
CA LEU D 117 14.27 24.53 12.04
C LEU D 117 15.25 23.36 12.06
N THR D 118 15.93 23.19 13.17
CA THR D 118 16.97 22.18 13.28
C THR D 118 16.40 20.77 13.42
N GLY D 119 15.31 20.65 14.18
CA GLY D 119 14.65 19.36 14.35
C GLY D 119 15.40 18.38 15.24
N LEU D 120 15.38 17.11 14.84
CA LEU D 120 15.96 16.04 15.64
C LEU D 120 17.46 16.23 15.88
N GLY D 121 17.84 16.21 17.16
CA GLY D 121 19.23 16.38 17.53
C GLY D 121 19.77 17.76 17.19
N GLY D 122 18.91 18.77 17.27
CA GLY D 122 19.30 20.12 16.91
C GLY D 122 19.80 20.91 18.10
N ILE D 123 19.44 22.19 18.15
CA ILE D 123 19.90 23.07 19.21
C ILE D 123 19.29 22.71 20.57
N GLU D 124 20.10 22.78 21.61
CA GLU D 124 19.68 22.43 22.96
C GLU D 124 18.77 23.52 23.52
N PRO D 125 17.72 23.11 24.26
CA PRO D 125 16.79 24.08 24.86
C PRO D 125 17.45 25.08 25.82
N GLU D 126 18.54 24.66 26.45
CA GLU D 126 19.30 25.50 27.39
C GLU D 126 20.20 26.52 26.71
N PHE D 127 20.56 26.31 25.46
CA PHE D 127 21.21 27.38 24.72
C PHE D 127 20.17 28.40 24.28
N LEU D 128 18.98 27.92 23.94
CA LEU D 128 17.90 28.80 23.52
C LEU D 128 17.42 29.69 24.67
N ALA D 129 17.47 29.15 25.89
CA ALA D 129 16.98 29.84 27.08
C ALA D 129 17.78 31.12 27.37
N LYS D 130 18.96 31.21 26.78
CA LYS D 130 19.85 32.36 26.95
C LYS D 130 19.32 33.59 26.23
N PHE D 131 18.44 33.35 25.24
CA PHE D 131 17.91 34.42 24.41
C PHE D 131 16.59 34.95 24.94
N ASN D 132 16.21 36.14 24.48
CA ASN D 132 14.98 36.78 24.95
C ASN D 132 14.21 37.43 23.80
N PRO D 133 13.66 36.62 22.89
CA PRO D 133 12.97 37.12 21.70
C PRO D 133 11.53 37.57 21.97
N LYS D 134 10.95 38.29 21.03
CA LYS D 134 9.54 38.66 21.10
C LYS D 134 8.66 37.53 20.57
N VAL D 135 9.14 36.88 19.51
CA VAL D 135 8.43 35.76 18.89
C VAL D 135 9.39 34.59 18.70
N PHE D 136 8.95 33.40 19.09
CA PHE D 136 9.75 32.19 18.92
C PHE D 136 9.01 31.11 18.16
N ILE D 137 9.63 30.60 17.10
CA ILE D 137 9.06 29.53 16.30
C ILE D 137 9.98 28.32 16.25
N VAL D 138 9.44 27.15 16.56
CA VAL D 138 10.21 25.91 16.50
C VAL D 138 9.51 24.91 15.58
N GLU D 139 10.29 24.21 14.76
CA GLU D 139 9.70 23.22 13.87
C GLU D 139 9.58 21.86 14.55
N ASP D 140 8.35 21.36 14.60
CA ASP D 140 8.08 20.00 15.08
C ASP D 140 8.55 19.00 14.02
N PRO D 141 9.57 18.19 14.35
CA PRO D 141 10.10 17.23 13.37
C PRO D 141 9.22 16.00 13.20
N LYS D 142 8.38 15.69 14.19
CA LYS D 142 7.59 14.47 14.19
C LYS D 142 6.58 14.38 13.04
N GLY D 143 6.48 13.19 12.45
CA GLY D 143 5.47 12.92 11.42
C GLY D 143 4.47 11.91 11.94
N VAL D 144 4.33 10.79 11.23
CA VAL D 144 3.49 9.70 11.72
C VAL D 144 4.14 9.17 12.99
N PHE D 145 3.35 8.63 13.90
CA PHE D 145 3.89 8.21 15.19
C PHE D 145 4.97 7.14 15.05
N ASP D 146 6.08 7.40 15.72
CA ASP D 146 7.19 6.47 15.82
C ASP D 146 7.74 6.56 17.23
N VAL D 147 7.76 5.44 17.94
CA VAL D 147 8.11 5.44 19.36
C VAL D 147 9.49 6.05 19.64
N ASP D 148 10.46 5.77 18.79
CA ASP D 148 11.82 6.27 19.00
C ASP D 148 11.92 7.75 18.62
N ILE D 149 11.31 8.11 17.50
CA ILE D 149 11.28 9.51 17.06
C ILE D 149 10.49 10.37 18.05
N TYR D 150 9.39 9.84 18.55
CA TYR D 150 8.55 10.56 19.50
C TYR D 150 9.33 10.87 20.78
N GLU D 151 10.10 9.90 21.26
CA GLU D 151 10.87 10.06 22.49
C GLU D 151 12.08 10.97 22.27
N ALA D 152 12.66 10.92 21.08
CA ALA D 152 13.85 11.73 20.77
C ALA D 152 13.50 13.20 20.57
N ASP D 153 12.23 13.47 20.31
CA ASP D 153 11.76 14.84 20.09
C ASP D 153 11.73 15.61 21.41
N ASN D 154 12.19 16.86 21.38
CA ASN D 154 12.13 17.72 22.55
C ASN D 154 11.66 19.12 22.17
N THR D 155 10.79 19.17 21.17
CA THR D 155 10.26 20.43 20.66
C THR D 155 9.67 21.31 21.76
N TYR D 156 8.88 20.71 22.64
CA TYR D 156 8.19 21.46 23.67
C TYR D 156 9.06 21.75 24.89
N LYS D 157 10.24 21.14 24.95
CA LYS D 157 11.22 21.52 25.96
C LYS D 157 11.98 22.74 25.47
N ARG D 158 11.95 22.98 24.17
CA ARG D 158 12.58 24.17 23.57
C ARG D 158 11.65 25.37 23.66
N THR D 159 10.34 25.10 23.74
CA THR D 159 9.34 26.17 23.84
C THR D 159 9.19 26.62 25.29
N ALA D 160 9.50 25.71 26.20
CA ALA D 160 9.30 25.93 27.63
C ALA D 160 9.87 27.23 28.19
N PRO D 161 11.11 27.60 27.84
CA PRO D 161 11.59 28.85 28.43
C PRO D 161 11.01 30.12 27.79
N PHE D 162 10.16 29.98 26.78
CA PHE D 162 9.61 31.14 26.09
C PHE D 162 8.09 31.29 26.22
N ILE D 163 7.42 30.28 26.79
CA ILE D 163 5.95 30.29 26.87
C ILE D 163 5.45 31.49 27.68
N GLU D 164 6.13 31.79 28.77
CA GLU D 164 5.79 32.93 29.60
C GLU D 164 6.20 34.30 29.08
N LYS D 165 7.33 34.37 28.39
CA LYS D 165 7.91 35.67 28.05
C LYS D 165 7.85 36.07 26.59
N ALA D 166 7.24 35.24 25.74
CA ALA D 166 7.20 35.52 24.32
C ALA D 166 6.07 34.81 23.59
N LYS D 167 5.83 35.25 22.35
CA LYS D 167 4.88 34.61 21.46
C LYS D 167 5.47 33.35 20.83
N VAL D 168 4.92 32.20 21.17
CA VAL D 168 5.48 30.92 20.74
C VAL D 168 4.60 30.19 19.74
N GLY D 169 5.21 29.71 18.66
CA GLY D 169 4.49 28.94 17.65
C GLY D 169 5.24 27.66 17.29
N VAL D 170 4.49 26.61 16.99
CA VAL D 170 5.09 25.34 16.59
C VAL D 170 4.74 24.96 15.16
N LEU D 171 5.75 24.93 14.29
CA LEU D 171 5.56 24.65 12.87
C LEU D 171 5.36 23.15 12.63
N LYS D 172 4.19 22.79 12.13
CA LYS D 172 3.85 21.40 11.86
C LYS D 172 3.58 21.17 10.37
N THR D 173 4.08 20.06 9.84
CA THR D 173 3.86 19.73 8.44
C THR D 173 3.63 18.22 8.25
N TYR D 174 2.48 17.88 7.69
CA TYR D 174 2.13 16.48 7.48
C TYR D 174 1.66 16.23 6.05
N ARG D 175 1.77 14.98 5.60
CA ARG D 175 1.14 14.58 4.35
C ARG D 175 -0.24 14.01 4.68
N LYS D 176 -1.29 14.64 4.14
CA LYS D 176 -2.65 14.21 4.46
C LYS D 176 -2.93 12.79 4.01
N ALA D 177 -3.28 11.95 4.98
CA ALA D 177 -3.63 10.55 4.75
C ALA D 177 -2.50 9.75 4.10
N ARG D 178 -1.26 10.10 4.43
CA ARG D 178 -0.09 9.36 3.98
C ARG D 178 0.87 9.16 5.14
N VAL D 179 1.86 8.28 4.96
CA VAL D 179 2.84 8.02 5.99
C VAL D 179 4.17 8.71 5.71
N SER D 180 4.58 9.59 6.63
CA SER D 180 5.92 10.16 6.62
C SER D 180 6.44 10.19 8.05
N LYS D 181 7.66 9.71 8.25
CA LYS D 181 8.22 9.56 9.58
C LYS D 181 8.58 10.90 10.21
N THR D 182 8.97 11.87 9.38
CA THR D 182 9.24 13.22 9.88
C THR D 182 8.57 14.30 9.05
N SER D 183 8.78 15.55 9.44
CA SER D 183 8.27 16.69 8.70
C SER D 183 9.37 17.42 7.94
N GLY D 184 10.56 16.82 7.94
CA GLY D 184 11.70 17.41 7.26
C GLY D 184 11.44 17.55 5.78
N THR D 185 11.93 18.63 5.19
CA THR D 185 11.73 18.90 3.77
C THR D 185 12.32 17.77 2.92
N THR D 187 12.67 14.58 3.85
CA THR D 187 11.79 13.42 4.03
C THR D 187 10.55 13.53 3.17
N LEU D 188 9.90 14.69 3.22
CA LEU D 188 8.68 14.93 2.46
C LEU D 188 8.91 14.85 0.96
N THR D 189 10.04 15.40 0.51
CA THR D 189 10.41 15.36 -0.89
C THR D 189 10.57 13.92 -1.38
N ILE D 190 11.30 13.13 -0.59
CA ILE D 190 11.55 11.74 -0.92
C ILE D 190 10.25 10.94 -1.02
N ASP D 191 9.44 11.04 0.03
CA ASP D 191 8.18 10.28 0.08
C ASP D 191 7.23 10.73 -1.03
N THR D 192 7.26 12.01 -1.37
CA THR D 192 6.43 12.53 -2.44
C THR D 192 6.80 11.93 -3.80
N ILE D 193 8.09 11.96 -4.11
CA ILE D 193 8.59 11.50 -5.40
C ILE D 193 8.49 9.98 -5.54
N VAL D 194 8.78 9.26 -4.47
CA VAL D 194 8.68 7.80 -4.47
C VAL D 194 7.22 7.34 -4.64
N ASP D 195 6.31 7.96 -3.90
CA ASP D 195 4.88 7.64 -4.04
C ASP D 195 4.38 7.95 -5.44
N ALA D 196 4.85 9.06 -6.01
CA ALA D 196 4.45 9.47 -7.34
C ALA D 196 4.91 8.46 -8.38
N SER D 197 6.12 7.93 -8.19
CA SER D 197 6.66 6.94 -9.12
C SER D 197 5.82 5.66 -9.09
N ARG D 198 5.22 5.39 -7.94
CA ARG D 198 4.38 4.21 -7.79
C ARG D 198 3.03 4.38 -8.49
N GLU D 199 2.48 5.59 -8.42
CA GLU D 199 1.23 5.88 -9.11
C GLU D 199 1.43 5.89 -10.62
N ILE D 200 2.56 6.45 -11.05
CA ILE D 200 2.90 6.51 -12.47
C ILE D 200 3.09 5.10 -13.04
N THR D 201 3.72 4.23 -12.26
CA THR D 201 3.94 2.84 -12.65
C THR D 201 2.61 2.12 -12.92
N SER D 202 1.59 2.48 -12.16
CA SER D 202 0.29 1.82 -12.28
C SER D 202 -0.50 2.27 -13.51
N LEU D 203 0.01 3.27 -14.22
CA LEU D 203 -0.65 3.75 -15.43
C LEU D 203 -0.52 2.76 -16.58
N ASP D 204 -1.48 2.80 -17.50
CA ASP D 204 -1.48 1.90 -18.66
C ASP D 204 -0.30 2.16 -19.57
N GLY D 205 0.43 1.09 -19.90
CA GLY D 205 1.53 1.18 -20.83
C GLY D 205 2.86 1.50 -20.18
N VAL D 206 2.81 1.89 -18.92
CA VAL D 206 4.04 2.21 -18.19
C VAL D 206 4.73 0.93 -17.73
N LEU D 207 6.02 0.83 -18.02
CA LEU D 207 6.82 -0.33 -17.62
C LEU D 207 7.38 -0.11 -16.21
N TYR D 208 8.03 1.03 -16.00
CA TYR D 208 8.50 1.42 -14.67
C TYR D 208 8.67 2.93 -14.56
N ALA D 209 8.91 3.37 -13.33
CA ALA D 209 9.18 4.77 -13.05
C ALA D 209 10.27 4.89 -12.00
N ILE D 210 11.39 5.49 -12.39
CA ILE D 210 12.52 5.65 -11.48
C ILE D 210 12.45 6.97 -10.72
N PRO D 211 12.39 6.89 -9.38
CA PRO D 211 12.53 8.10 -8.58
C PRO D 211 14.01 8.50 -8.47
N ASN D 212 14.36 9.64 -9.04
CA ASN D 212 15.75 10.10 -9.05
C ASN D 212 16.11 10.89 -7.79
N LEU D 213 16.57 10.17 -6.77
CA LEU D 213 16.86 10.78 -5.48
C LEU D 213 18.26 10.45 -5.01
N ARG D 214 18.85 11.37 -4.24
CA ARG D 214 20.17 11.16 -3.67
C ARG D 214 20.27 11.85 -2.32
N TYR D 215 21.10 11.31 -1.44
CA TYR D 215 21.43 11.98 -0.19
C TYR D 215 22.31 13.20 -0.49
N TYR D 216 21.66 14.33 -0.75
CA TYR D 216 22.33 15.53 -1.25
C TYR D 216 23.27 16.14 -0.21
N GLU D 217 22.84 16.12 1.05
CA GLU D 217 23.64 16.68 2.13
C GLU D 217 24.97 15.95 2.29
N GLY D 218 24.99 14.68 1.90
CA GLY D 218 26.22 13.91 1.91
C GLY D 218 27.13 14.34 0.79
N ILE D 219 26.55 14.69 -0.35
CA ILE D 219 27.32 15.15 -1.50
C ILE D 219 27.95 16.52 -1.24
N LEU D 220 27.23 17.37 -0.52
CA LEU D 220 27.65 18.76 -0.36
C LEU D 220 28.59 18.99 0.83
N PHE D 221 28.34 18.29 1.93
CA PHE D 221 29.06 18.55 3.18
C PHE D 221 30.02 17.43 3.56
N HIS D 222 29.75 16.22 3.10
CA HIS D 222 30.61 15.08 3.37
C HIS D 222 31.61 14.97 2.22
N GLU D 223 31.13 15.17 1.00
CA GLU D 223 31.96 15.03 -0.19
C GLU D 223 32.46 16.37 -0.75
N ASN D 224 31.93 17.48 -0.23
CA ASN D 224 32.28 18.83 -0.70
C ASN D 224 32.26 18.99 -2.22
N ASP D 225 31.32 18.30 -2.88
CA ASP D 225 31.20 18.37 -4.32
C ASP D 225 29.99 19.20 -4.70
N ILE D 226 30.16 20.52 -4.78
CA ILE D 226 29.04 21.41 -5.06
C ILE D 226 28.45 21.22 -6.45
N HIS D 227 29.30 20.90 -7.43
CA HIS D 227 28.84 20.73 -8.80
C HIS D 227 28.02 19.46 -8.95
N LYS D 228 28.44 18.39 -8.28
CA LYS D 228 27.70 17.13 -8.32
C LYS D 228 26.39 17.32 -7.54
N PHE D 229 26.44 18.15 -6.50
CA PHE D 229 25.25 18.46 -5.73
C PHE D 229 24.19 19.14 -6.59
N LEU D 230 24.61 20.15 -7.34
CA LEU D 230 23.69 20.91 -8.20
C LEU D 230 23.11 20.07 -9.33
N SER D 231 23.92 19.19 -9.90
CA SER D 231 23.46 18.34 -10.98
C SER D 231 22.48 17.29 -10.48
N GLU D 232 22.78 16.69 -9.33
CA GLU D 232 21.95 15.62 -8.79
C GLU D 232 20.61 16.13 -8.29
N ILE D 233 20.60 17.33 -7.70
CA ILE D 233 19.35 17.86 -7.18
C ILE D 233 18.51 18.42 -8.31
N SER D 234 19.13 18.72 -9.44
CA SER D 234 18.44 19.24 -10.61
C SER D 234 17.90 18.13 -11.51
N GLN D 235 18.13 16.89 -11.10
CA GLN D 235 17.64 15.75 -11.88
C GLN D 235 16.13 15.82 -11.96
N PRO D 236 15.56 15.43 -13.12
CA PRO D 236 14.11 15.24 -13.19
C PRO D 236 13.67 14.28 -12.09
N ALA D 237 12.58 14.60 -11.40
CA ALA D 237 12.14 13.81 -10.25
C ALA D 237 11.94 12.35 -10.64
N ILE D 238 11.36 12.12 -11.81
CA ILE D 238 11.03 10.76 -12.21
C ILE D 238 11.34 10.49 -13.68
N THR D 239 12.01 9.37 -13.93
CA THR D 239 12.27 8.90 -15.29
C THR D 239 11.36 7.70 -15.59
N ILE D 240 10.57 7.82 -16.66
CA ILE D 240 9.53 6.84 -16.95
C ILE D 240 9.83 6.00 -18.19
N SER D 241 9.79 4.69 -18.04
CA SER D 241 9.82 3.79 -19.20
C SER D 241 8.40 3.40 -19.57
N THR D 242 7.98 3.77 -20.77
CA THR D 242 6.58 3.66 -21.12
C THR D 242 6.32 3.47 -22.62
N LEU D 243 5.18 2.87 -22.93
CA LEU D 243 4.73 2.68 -24.31
C LEU D 243 3.91 3.87 -24.78
N ASN D 244 3.40 4.64 -23.83
CA ASN D 244 2.54 5.78 -24.15
C ASN D 244 3.15 7.10 -23.67
N ASP D 245 2.77 8.20 -24.31
CA ASP D 245 3.18 9.51 -23.83
C ASP D 245 2.36 9.83 -22.60
N VAL D 246 2.97 9.69 -21.43
CA VAL D 246 2.26 9.82 -20.17
C VAL D 246 2.78 10.99 -19.33
N LEU D 247 3.46 11.91 -19.98
CA LEU D 247 4.11 13.05 -19.32
C LEU D 247 3.14 13.91 -18.52
N ASP D 248 2.02 14.29 -19.14
CA ASP D 248 1.04 15.15 -18.50
C ASP D 248 0.42 14.52 -17.26
N GLU D 249 0.13 13.23 -17.35
CA GLU D 249 -0.46 12.50 -16.24
C GLU D 249 0.52 12.38 -15.09
N ALA D 250 1.78 12.17 -15.44
CA ALA D 250 2.86 12.06 -14.46
C ALA D 250 3.03 13.36 -13.70
N GLU D 251 2.96 14.48 -14.41
CA GLU D 251 3.05 15.79 -13.77
C GLU D 251 1.86 16.03 -12.87
N GLU D 252 0.67 15.65 -13.33
CA GLU D 252 -0.53 15.78 -12.54
C GLU D 252 -0.42 14.95 -11.27
N ILE D 253 0.02 13.71 -11.41
CA ILE D 253 0.25 12.82 -10.27
C ILE D 253 1.23 13.42 -9.27
N LEU D 254 2.34 13.92 -9.79
CA LEU D 254 3.38 14.54 -8.98
C LEU D 254 2.82 15.77 -8.27
N SER D 255 2.03 16.56 -8.98
CA SER D 255 1.40 17.76 -8.43
C SER D 255 0.40 17.42 -7.34
N ASN D 256 -0.34 16.32 -7.53
CA ASN D 256 -1.34 15.90 -6.57
C ASN D 256 -0.70 15.46 -5.26
N ASN D 257 0.43 14.76 -5.33
CA ASN D 257 1.11 14.32 -4.12
C ASN D 257 1.74 15.49 -3.37
N ILE D 258 2.10 16.54 -4.09
CA ILE D 258 2.61 17.75 -3.44
C ILE D 258 1.49 18.47 -2.71
N ASN D 259 0.31 18.50 -3.33
CA ASN D 259 -0.84 19.17 -2.74
C ASN D 259 -1.39 18.44 -1.50
N LEU D 260 -0.99 17.19 -1.32
CA LEU D 260 -1.34 16.44 -0.11
C LEU D 260 -0.64 17.01 1.12
N ILE D 261 0.45 17.73 0.90
CA ILE D 261 1.23 18.27 2.01
C ILE D 261 0.59 19.50 2.64
N TYR D 262 0.34 19.42 3.94
CA TYR D 262 -0.30 20.48 4.70
C TYR D 262 0.63 20.99 5.80
N SER D 263 0.81 22.31 5.85
CA SER D 263 1.72 22.93 6.81
C SER D 263 1.02 24.06 7.57
N PHE D 264 1.30 24.16 8.86
CA PHE D 264 0.73 25.21 9.69
C PHE D 264 1.54 25.44 10.96
N VAL D 265 1.35 26.61 11.57
CA VAL D 265 2.00 26.93 12.83
C VAL D 265 0.98 26.90 13.97
N GLU D 266 1.23 26.05 14.94
CA GLU D 266 0.35 25.93 16.09
C GLU D 266 0.75 26.97 17.15
N GLU D 267 -0.16 27.89 17.46
CA GLU D 267 0.15 28.92 18.44
C GLU D 267 -0.03 28.42 19.87
N LEU D 268 1.00 28.58 20.68
CA LEU D 268 0.94 28.19 22.08
C LEU D 268 0.61 29.39 22.96
#